data_5GKO
#
_entry.id   5GKO
#
_cell.length_a   229.148
_cell.length_b   229.148
_cell.length_c   155.644
_cell.angle_alpha   90.00
_cell.angle_beta   90.00
_cell.angle_gamma   90.00
#
_symmetry.space_group_name_H-M   'P 41 21 2'
#
_entity_poly.entity_id   1
_entity_poly.type   'polypeptide(L)'
_entity_poly.pdbx_seq_one_letter_code
;(MSE)HHHHHH(MSE)TKQALLEVSNLVREFPAGESTIQILKGIDLTIYEGELVAIVGQSGSGKSTL(MSE)NILGCLDR
PTSGSYKVNGQETGKLEPDQLAQLRREYFGFIFQRYHLLGDLSAEGNVEVPAVYAGVTPADRKQRATALLTELGLGTKTQ
NRPSQLSGGQQQRVSIARAL(MSE)NGGDVILADEPTGALDSHSGVEV(MSE)RILRELNAAGHTIILVTHD(MSE)QVA
KNATRIIEISDGEIISDRPNVPDQSLEEVKSDPDAAPALQNKQKKGKSISAWRSTLDRLSEAFQ(MSE)ALLS(MSE)NA
HR(MSE)RTFLT(MSE)LGIIIGIASVVTVVALGNGSQQQILSNISSLGTNTITVFQGRGFGDNSKTANFKTLVPADADA
L(MSE)TQPYVSAVSP(MSE)VSTSKT(MSE)RYQQNEANATINGVSNDYFDVKGLVFKDGQTFDQRSVRDRSQDVVIDT
NTQKQFFSDGTNPIGQVVLLGSVPARIIGIVEPQTSG(MSE)GSDDTLNVY(MSE)PYTTV(MSE)SR(MSE)LGQAHVR
NIVVRINDKYSTSAAENAIVNLLTQRHGAQDIFT(MSE)NSDSIRQTIEKTTST(MSE)TLLVSAIAVISLVVGGIGV
(MSE)NI(MSE)LVSVTERTQEIGVR(MSE)AVGARQSDILQQFLIEAILVCLIGGVLGVLLSLGLGQLINKFAGGNFAV
AYSTTSIVAAFVCSTLIGVVFGFLPAKNAAKLDPVAALSRE
;
_entity_poly.pdbx_strand_id   A,B
#
# COMPACT_ATOMS: atom_id res chain seq x y z
N LYS A 10 13.20 -62.37 -6.95
CA LYS A 10 12.79 -60.99 -7.22
C LYS A 10 12.49 -60.22 -5.95
N GLN A 11 12.37 -58.91 -6.11
CA GLN A 11 12.06 -57.98 -5.02
C GLN A 11 10.64 -57.45 -5.18
N ALA A 12 9.91 -57.40 -4.07
CA ALA A 12 8.55 -56.87 -4.09
C ALA A 12 8.59 -55.35 -4.26
N LEU A 13 7.45 -54.79 -4.69
CA LEU A 13 7.32 -53.34 -4.77
C LEU A 13 7.81 -52.68 -3.49
N LEU A 14 7.14 -52.95 -2.37
CA LEU A 14 7.40 -52.22 -1.15
C LEU A 14 8.23 -53.10 -0.22
N GLU A 15 9.49 -52.70 -0.01
CA GLU A 15 10.43 -53.44 0.83
C GLU A 15 10.89 -52.52 1.95
N VAL A 16 10.44 -52.82 3.16
CA VAL A 16 10.79 -52.08 4.36
C VAL A 16 11.68 -52.97 5.22
N SER A 17 12.87 -52.47 5.56
CA SER A 17 13.83 -53.23 6.35
C SER A 17 14.30 -52.38 7.52
N ASN A 18 13.88 -52.76 8.74
CA ASN A 18 14.39 -52.20 9.98
C ASN A 18 14.29 -50.67 10.00
N LEU A 19 13.20 -50.12 9.47
CA LEU A 19 13.09 -48.67 9.44
C LEU A 19 12.76 -48.20 10.85
N VAL A 20 13.60 -47.30 11.37
CA VAL A 20 13.36 -46.64 12.65
C VAL A 20 13.15 -45.16 12.34
N ARG A 21 12.00 -44.64 12.76
CA ARG A 21 11.65 -43.24 12.56
C ARG A 21 11.57 -42.58 13.93
N GLU A 22 12.52 -41.69 14.20
CA GLU A 22 12.61 -40.92 15.43
C GLU A 22 12.21 -39.47 15.18
N PHE A 23 11.60 -38.86 16.20
CA PHE A 23 11.44 -37.42 16.27
C PHE A 23 11.99 -36.90 17.59
N PRO A 24 12.57 -35.71 17.60
CA PRO A 24 13.00 -35.13 18.88
C PRO A 24 11.82 -34.72 19.74
N ALA A 25 11.89 -35.04 21.02
CA ALA A 25 10.89 -34.58 21.99
C ALA A 25 11.60 -34.22 23.29
N GLY A 26 11.45 -32.97 23.71
CA GLY A 26 12.00 -32.52 24.98
C GLY A 26 13.49 -32.67 25.12
N GLU A 27 14.25 -32.13 24.17
CA GLU A 27 15.71 -32.22 24.17
C GLU A 27 16.17 -33.68 24.29
N SER A 28 15.59 -34.52 23.44
CA SER A 28 15.81 -35.96 23.43
C SER A 28 15.01 -36.52 22.26
N THR A 29 15.31 -37.75 21.88
CA THR A 29 14.65 -38.39 20.76
C THR A 29 13.67 -39.45 21.24
N ILE A 30 12.58 -39.59 20.49
CA ILE A 30 11.56 -40.61 20.73
C ILE A 30 11.38 -41.41 19.44
N GLN A 31 11.23 -42.72 19.57
CA GLN A 31 11.01 -43.58 18.42
C GLN A 31 9.51 -43.73 18.21
N ILE A 32 9.00 -43.11 17.16
CA ILE A 32 7.62 -43.35 16.76
C ILE A 32 7.53 -44.64 15.96
N LEU A 33 8.57 -44.97 15.19
CA LEU A 33 8.66 -46.26 14.53
C LEU A 33 9.93 -46.95 14.98
N LYS A 34 9.77 -48.12 15.60
CA LYS A 34 10.91 -48.91 16.04
C LYS A 34 11.25 -49.80 14.84
N GLY A 35 12.21 -50.72 15.00
CA GLY A 35 12.61 -51.39 13.78
C GLY A 35 11.48 -52.18 13.15
N ILE A 36 10.98 -51.67 12.02
CA ILE A 36 9.85 -52.26 11.30
C ILE A 36 10.37 -52.96 10.05
N ASP A 37 9.96 -54.21 9.86
CA ASP A 37 10.19 -54.93 8.62
C ASP A 37 8.85 -55.24 7.97
N LEU A 38 8.73 -54.96 6.68
CA LEU A 38 7.52 -55.29 5.93
C LEU A 38 7.92 -55.62 4.49
N THR A 39 7.13 -56.49 3.88
CA THR A 39 7.28 -56.77 2.46
C THR A 39 5.88 -56.83 1.86
N ILE A 40 5.62 -55.96 0.90
CA ILE A 40 4.33 -55.88 0.26
C ILE A 40 4.57 -56.02 -1.23
N TYR A 41 4.11 -57.14 -1.79
CA TYR A 41 4.18 -57.37 -3.21
C TYR A 41 3.05 -56.66 -3.94
N GLU A 42 3.27 -56.44 -5.24
CA GLU A 42 2.25 -55.92 -6.12
C GLU A 42 0.95 -56.69 -5.96
N GLY A 43 -0.17 -55.95 -5.91
CA GLY A 43 -1.49 -56.56 -5.90
C GLY A 43 -2.08 -56.84 -4.55
N GLU A 44 -1.36 -56.63 -3.45
CA GLU A 44 -1.86 -57.01 -2.15
C GLU A 44 -2.81 -55.96 -1.59
N LEU A 45 -3.83 -56.43 -0.86
CA LEU A 45 -4.76 -55.55 -0.17
C LEU A 45 -4.37 -55.56 1.30
N VAL A 46 -3.79 -54.45 1.75
CA VAL A 46 -3.16 -54.36 3.07
C VAL A 46 -3.91 -53.33 3.88
N ALA A 47 -4.24 -53.67 5.12
CA ALA A 47 -4.77 -52.73 6.08
C ALA A 47 -3.80 -52.64 7.25
N ILE A 48 -3.14 -51.50 7.39
CA ILE A 48 -2.36 -51.21 8.59
C ILE A 48 -3.31 -50.59 9.60
N VAL A 49 -3.48 -51.24 10.74
CA VAL A 49 -4.45 -50.84 11.74
C VAL A 49 -3.74 -50.65 13.06
N GLY A 50 -4.06 -49.56 13.74
CA GLY A 50 -3.45 -49.21 15.01
C GLY A 50 -4.16 -48.00 15.57
N GLN A 51 -3.84 -47.67 16.81
CA GLN A 51 -4.49 -46.56 17.47
C GLN A 51 -3.65 -45.31 17.31
N SER A 52 -4.17 -44.19 17.83
CA SER A 52 -3.46 -42.93 17.71
C SER A 52 -2.16 -42.99 18.51
N GLY A 53 -1.05 -42.69 17.85
CA GLY A 53 0.26 -42.79 18.48
C GLY A 53 1.00 -44.06 18.16
N SER A 54 0.36 -45.01 17.48
CA SER A 54 1.00 -46.29 17.20
C SER A 54 2.15 -46.14 16.22
N GLY A 55 2.12 -45.13 15.36
CA GLY A 55 3.06 -45.00 14.27
C GLY A 55 2.53 -45.38 12.93
N LYS A 56 1.22 -45.67 12.82
CA LYS A 56 0.66 -46.15 11.56
C LYS A 56 0.74 -45.09 10.47
N SER A 57 0.36 -43.85 10.80
CA SER A 57 0.32 -42.82 9.78
C SER A 57 1.73 -42.32 9.45
N THR A 58 2.64 -42.36 10.42
CA THR A 58 4.05 -42.12 10.12
C THR A 58 4.57 -43.14 9.12
N LEU A 59 4.30 -44.43 9.39
CA LEU A 59 4.67 -45.48 8.47
C LEU A 59 4.08 -45.25 7.08
N ASN A 61 3.21 -42.26 5.73
CA ASN A 61 3.94 -41.14 5.16
C ASN A 61 5.25 -41.61 4.54
N ILE A 62 5.98 -42.48 5.25
CA ILE A 62 7.23 -43.00 4.70
C ILE A 62 6.94 -43.88 3.48
N LEU A 63 5.91 -44.72 3.55
CA LEU A 63 5.53 -45.54 2.40
C LEU A 63 5.15 -44.69 1.20
N GLY A 64 4.52 -43.54 1.43
CA GLY A 64 4.14 -42.64 0.37
C GLY A 64 5.22 -41.72 -0.12
N CYS A 65 6.46 -41.93 0.32
CA CYS A 65 7.60 -41.09 -0.05
C CYS A 65 7.35 -39.63 0.32
N LEU A 66 6.58 -39.39 1.37
CA LEU A 66 6.43 -38.07 1.96
C LEU A 66 7.39 -37.83 3.11
N ASP A 67 8.15 -38.84 3.54
CA ASP A 67 9.03 -38.72 4.69
C ASP A 67 10.11 -39.78 4.58
N ARG A 68 11.21 -39.59 5.33
CA ARG A 68 12.33 -40.51 5.28
C ARG A 68 12.53 -41.21 6.62
N PRO A 69 13.04 -42.45 6.62
CA PRO A 69 13.11 -43.21 7.89
C PRO A 69 13.98 -42.58 8.97
N THR A 70 15.18 -42.14 8.60
CA THR A 70 16.33 -41.72 9.42
C THR A 70 17.10 -42.90 10.01
N SER A 71 16.48 -44.08 10.09
CA SER A 71 17.22 -45.31 10.35
C SER A 71 16.56 -46.43 9.56
N GLY A 72 17.33 -47.11 8.72
CA GLY A 72 16.77 -48.22 7.97
C GLY A 72 16.64 -47.93 6.49
N SER A 73 15.92 -48.83 5.81
CA SER A 73 15.75 -48.78 4.36
C SER A 73 14.29 -48.98 3.99
N TYR A 74 13.81 -48.17 3.05
CA TYR A 74 12.56 -48.41 2.35
C TYR A 74 12.82 -48.34 0.86
N LYS A 75 12.61 -49.44 0.15
CA LYS A 75 12.89 -49.53 -1.27
C LYS A 75 11.58 -49.68 -2.04
N VAL A 76 11.28 -48.71 -2.89
CA VAL A 76 10.12 -48.76 -3.76
C VAL A 76 10.58 -49.33 -5.09
N ASN A 77 10.14 -50.55 -5.40
CA ASN A 77 10.57 -51.25 -6.60
C ASN A 77 12.09 -51.25 -6.72
N GLY A 78 12.75 -51.46 -5.58
CA GLY A 78 14.20 -51.52 -5.55
C GLY A 78 14.92 -50.19 -5.47
N GLN A 79 14.23 -49.12 -5.07
CA GLN A 79 14.80 -47.78 -5.04
C GLN A 79 14.76 -47.28 -3.60
N GLU A 80 15.94 -47.07 -3.03
CA GLU A 80 16.04 -46.61 -1.64
C GLU A 80 15.70 -45.13 -1.56
N THR A 81 14.72 -44.79 -0.73
CA THR A 81 14.28 -43.42 -0.54
C THR A 81 14.94 -42.74 0.65
N GLY A 82 15.76 -43.48 1.40
CA GLY A 82 16.33 -42.93 2.62
C GLY A 82 17.16 -41.67 2.40
N LYS A 83 17.92 -41.64 1.32
CA LYS A 83 18.77 -40.49 1.01
C LYS A 83 18.19 -39.58 -0.07
N LEU A 84 17.02 -39.89 -0.63
CA LEU A 84 16.50 -39.12 -1.75
C LEU A 84 16.05 -37.72 -1.33
N GLU A 85 16.18 -36.77 -2.27
CA GLU A 85 15.85 -35.35 -2.20
C GLU A 85 14.42 -35.10 -2.67
N PRO A 86 13.82 -33.96 -2.28
CA PRO A 86 12.37 -33.76 -2.49
C PRO A 86 11.85 -34.02 -3.89
N ASP A 87 12.55 -33.57 -4.94
CA ASP A 87 12.03 -33.79 -6.28
C ASP A 87 12.12 -35.26 -6.69
N GLN A 88 13.07 -35.99 -6.13
CA GLN A 88 13.17 -37.43 -6.38
C GLN A 88 11.99 -38.17 -5.75
N LEU A 89 11.72 -37.90 -4.48
CA LEU A 89 10.52 -38.45 -3.85
C LEU A 89 9.26 -38.05 -4.60
N ALA A 90 9.23 -36.82 -5.11
CA ALA A 90 8.10 -36.40 -5.95
C ALA A 90 7.98 -37.29 -7.19
N GLN A 91 9.13 -37.61 -7.81
CA GLN A 91 9.11 -38.55 -8.92
C GLN A 91 8.45 -39.86 -8.51
N LEU A 92 8.93 -40.45 -7.41
CA LEU A 92 8.36 -41.72 -6.96
C LEU A 92 6.86 -41.61 -6.72
N ARG A 93 6.42 -40.46 -6.18
CA ARG A 93 4.99 -40.26 -5.98
C ARG A 93 4.24 -40.31 -7.31
N ARG A 94 4.72 -39.55 -8.30
CA ARG A 94 4.03 -39.52 -9.60
C ARG A 94 4.07 -40.88 -10.30
N GLU A 95 5.16 -41.62 -10.15
CA GLU A 95 5.32 -42.89 -10.85
C GLU A 95 4.49 -44.00 -10.21
N TYR A 96 4.63 -44.18 -8.90
CA TYR A 96 4.12 -45.32 -8.16
C TYR A 96 2.81 -45.07 -7.44
N PHE A 97 2.72 -43.98 -6.68
CA PHE A 97 1.72 -43.83 -5.65
C PHE A 97 0.63 -42.84 -6.06
N GLY A 98 -0.55 -43.04 -5.49
CA GLY A 98 -1.56 -42.00 -5.46
C GLY A 98 -2.29 -42.08 -4.13
N PHE A 99 -2.85 -40.95 -3.71
CA PHE A 99 -3.26 -40.82 -2.31
C PHE A 99 -4.75 -40.56 -2.17
N ILE A 100 -5.26 -40.97 -1.01
CA ILE A 100 -6.63 -40.76 -0.58
C ILE A 100 -6.58 -40.42 0.90
N PHE A 101 -7.25 -39.35 1.30
CA PHE A 101 -7.17 -38.88 2.68
C PHE A 101 -8.54 -38.94 3.33
N GLN A 102 -8.53 -38.99 4.67
CA GLN A 102 -9.77 -39.12 5.43
C GLN A 102 -10.78 -38.05 5.04
N ARG A 103 -10.34 -36.81 5.01
CA ARG A 103 -11.21 -35.70 4.67
C ARG A 103 -11.23 -35.42 3.18
N TYR A 104 -10.60 -36.30 2.38
CA TYR A 104 -10.63 -36.27 0.92
C TYR A 104 -10.36 -34.86 0.40
N HIS A 105 -9.09 -34.48 0.52
CA HIS A 105 -8.68 -33.12 0.21
C HIS A 105 -8.84 -32.87 -1.28
N LEU A 106 -9.67 -31.90 -1.62
CA LEU A 106 -9.86 -31.46 -2.99
C LEU A 106 -9.57 -29.97 -3.07
N LEU A 107 -9.36 -29.49 -4.28
CA LEU A 107 -9.07 -28.08 -4.50
C LEU A 107 -10.39 -27.37 -4.79
N GLY A 108 -10.83 -26.54 -3.83
CA GLY A 108 -12.11 -25.87 -3.97
C GLY A 108 -12.21 -25.00 -5.22
N ASP A 109 -11.07 -24.50 -5.69
CA ASP A 109 -11.07 -23.66 -6.89
C ASP A 109 -11.41 -24.48 -8.13
N LEU A 110 -10.72 -25.59 -8.33
CA LEU A 110 -10.90 -26.41 -9.52
C LEU A 110 -12.22 -27.17 -9.44
N SER A 111 -12.52 -27.91 -10.52
CA SER A 111 -13.68 -28.77 -10.59
C SER A 111 -13.24 -30.20 -10.34
N ALA A 112 -14.18 -31.14 -10.49
CA ALA A 112 -13.83 -32.55 -10.41
C ALA A 112 -12.78 -32.91 -11.45
N GLU A 113 -13.06 -32.58 -12.72
CA GLU A 113 -12.13 -32.88 -13.80
C GLU A 113 -10.75 -32.25 -13.55
N GLY A 114 -10.72 -31.04 -12.99
CA GLY A 114 -9.44 -30.39 -12.74
C GLY A 114 -8.66 -31.08 -11.63
N ASN A 115 -9.31 -31.31 -10.49
CA ASN A 115 -8.69 -32.07 -9.41
C ASN A 115 -8.13 -33.39 -9.92
N VAL A 116 -8.90 -34.10 -10.75
CA VAL A 116 -8.42 -35.36 -11.31
C VAL A 116 -7.20 -35.11 -12.20
N GLU A 117 -7.18 -33.96 -12.88
CA GLU A 117 -6.07 -33.68 -13.80
C GLU A 117 -4.77 -33.37 -13.09
N VAL A 118 -4.83 -32.77 -11.90
CA VAL A 118 -3.65 -32.21 -11.23
C VAL A 118 -2.43 -33.11 -11.27
N PRO A 119 -2.53 -34.40 -10.89
CA PRO A 119 -1.32 -35.25 -10.97
C PRO A 119 -0.79 -35.39 -12.39
N ALA A 120 -1.69 -35.57 -13.37
CA ALA A 120 -1.27 -35.54 -14.76
C ALA A 120 -0.61 -34.22 -15.11
N VAL A 121 -1.13 -33.12 -14.56
CA VAL A 121 -0.54 -31.81 -14.82
C VAL A 121 0.92 -31.80 -14.43
N TYR A 122 1.23 -32.17 -13.18
CA TYR A 122 2.64 -32.14 -12.79
C TYR A 122 3.45 -33.27 -13.40
N ALA A 123 2.81 -34.29 -13.97
CA ALA A 123 3.50 -35.37 -14.63
C ALA A 123 3.81 -35.11 -16.10
N GLY A 124 3.56 -33.91 -16.62
CA GLY A 124 3.90 -33.65 -18.01
C GLY A 124 3.03 -34.39 -18.99
N VAL A 125 1.74 -34.06 -19.02
CA VAL A 125 0.77 -34.74 -19.87
C VAL A 125 0.01 -33.69 -20.67
N THR A 126 -0.40 -34.07 -21.87
CA THR A 126 -1.14 -33.17 -22.76
C THR A 126 -2.51 -32.85 -22.19
N PRO A 127 -2.88 -31.57 -22.10
CA PRO A 127 -4.21 -31.21 -21.58
C PRO A 127 -5.36 -31.89 -22.30
N ALA A 128 -5.23 -32.18 -23.60
CA ALA A 128 -6.26 -32.96 -24.28
C ALA A 128 -6.32 -34.38 -23.74
N ASP A 129 -5.14 -35.02 -23.65
CA ASP A 129 -5.10 -36.41 -23.18
C ASP A 129 -5.59 -36.51 -21.75
N ARG A 130 -5.16 -35.59 -20.89
CA ARG A 130 -5.55 -35.63 -19.48
C ARG A 130 -7.00 -35.22 -19.29
N LYS A 131 -7.57 -34.40 -20.18
CA LYS A 131 -9.01 -34.20 -20.14
C LYS A 131 -9.75 -35.48 -20.48
N GLN A 132 -9.26 -36.22 -21.49
CA GLN A 132 -9.90 -37.49 -21.83
C GLN A 132 -9.83 -38.46 -20.65
N ARG A 133 -8.63 -38.70 -20.13
CA ARG A 133 -8.47 -39.65 -19.03
C ARG A 133 -9.23 -39.20 -17.79
N ALA A 134 -9.25 -37.90 -17.51
CA ALA A 134 -9.97 -37.38 -16.36
C ALA A 134 -11.46 -37.66 -16.48
N THR A 135 -12.07 -37.23 -17.57
CA THR A 135 -13.50 -37.47 -17.76
C THR A 135 -13.81 -38.96 -17.81
N ALA A 136 -12.89 -39.76 -18.36
CA ALA A 136 -13.08 -41.19 -18.41
C ALA A 136 -13.15 -41.80 -17.01
N LEU A 137 -12.14 -41.53 -16.18
CA LEU A 137 -12.13 -42.06 -14.82
C LEU A 137 -13.33 -41.56 -14.02
N LEU A 138 -13.66 -40.27 -14.14
CA LEU A 138 -14.83 -39.76 -13.42
C LEU A 138 -16.12 -40.42 -13.88
N THR A 139 -16.22 -40.78 -15.16
CA THR A 139 -17.40 -41.51 -15.62
C THR A 139 -17.42 -42.94 -15.09
N GLU A 140 -16.26 -43.61 -15.07
CA GLU A 140 -16.20 -44.97 -14.54
C GLU A 140 -16.71 -45.03 -13.10
N LEU A 141 -16.41 -44.01 -12.31
CA LEU A 141 -16.80 -43.96 -10.90
C LEU A 141 -18.16 -43.34 -10.69
N GLY A 142 -18.90 -43.05 -11.76
CA GLY A 142 -20.28 -42.62 -11.66
C GLY A 142 -20.51 -41.14 -11.57
N LEU A 143 -19.46 -40.34 -11.74
CA LEU A 143 -19.53 -38.89 -11.67
C LEU A 143 -19.68 -38.24 -13.04
N GLY A 144 -19.90 -39.03 -14.09
CA GLY A 144 -19.96 -38.49 -15.45
C GLY A 144 -20.85 -37.26 -15.59
N THR A 145 -21.98 -37.24 -14.89
CA THR A 145 -22.87 -36.08 -14.96
C THR A 145 -22.34 -34.93 -14.10
N LYS A 146 -21.62 -35.24 -13.04
CA LYS A 146 -21.08 -34.25 -12.11
C LYS A 146 -19.70 -33.76 -12.51
N THR A 147 -19.22 -34.12 -13.71
CA THR A 147 -17.87 -33.82 -14.18
C THR A 147 -17.42 -32.39 -13.90
N GLN A 148 -18.30 -31.41 -14.15
CA GLN A 148 -17.93 -30.00 -14.04
C GLN A 148 -18.18 -29.42 -12.66
N ASN A 149 -18.68 -30.20 -11.70
CA ASN A 149 -18.94 -29.67 -10.37
C ASN A 149 -17.65 -29.40 -9.62
N ARG A 150 -17.68 -28.37 -8.79
CA ARG A 150 -16.62 -28.00 -7.86
C ARG A 150 -16.82 -28.72 -6.53
N PRO A 151 -15.75 -28.92 -5.76
CA PRO A 151 -15.88 -29.69 -4.50
C PRO A 151 -17.01 -29.22 -3.60
N SER A 152 -17.22 -27.90 -3.49
CA SER A 152 -18.33 -27.41 -2.68
C SER A 152 -19.69 -27.88 -3.19
N GLN A 153 -19.76 -28.33 -4.44
CA GLN A 153 -20.99 -28.78 -5.07
C GLN A 153 -21.17 -30.29 -4.99
N LEU A 154 -20.29 -31.02 -4.31
CA LEU A 154 -20.33 -32.47 -4.27
C LEU A 154 -20.50 -32.98 -2.85
N SER A 155 -21.08 -34.17 -2.75
CA SER A 155 -21.23 -34.88 -1.48
C SER A 155 -19.89 -35.45 -1.04
N GLY A 156 -19.83 -35.83 0.24
CA GLY A 156 -18.64 -36.45 0.80
C GLY A 156 -18.21 -37.69 0.04
N GLY A 157 -19.12 -38.65 -0.11
CA GLY A 157 -18.83 -39.81 -0.94
C GLY A 157 -18.42 -39.41 -2.33
N GLN A 158 -19.13 -38.44 -2.92
CA GLN A 158 -18.80 -38.01 -4.28
C GLN A 158 -17.39 -37.44 -4.35
N GLN A 159 -17.02 -36.61 -3.37
CA GLN A 159 -15.67 -36.05 -3.36
C GLN A 159 -14.62 -37.13 -3.19
N GLN A 160 -14.86 -38.10 -2.31
CA GLN A 160 -13.90 -39.18 -2.13
C GLN A 160 -13.75 -39.99 -3.42
N ARG A 161 -14.84 -40.19 -4.15
CA ARG A 161 -14.76 -40.83 -5.46
C ARG A 161 -13.94 -39.98 -6.43
N VAL A 162 -14.09 -38.66 -6.36
CA VAL A 162 -13.25 -37.76 -7.16
C VAL A 162 -11.78 -38.01 -6.86
N SER A 163 -11.42 -38.01 -5.57
CA SER A 163 -10.02 -38.20 -5.21
C SER A 163 -9.52 -39.61 -5.53
N ILE A 164 -10.42 -40.59 -5.60
CA ILE A 164 -10.06 -41.90 -6.13
C ILE A 164 -9.63 -41.76 -7.58
N ALA A 165 -10.49 -41.16 -8.41
CA ALA A 165 -10.14 -40.93 -9.81
C ALA A 165 -8.83 -40.17 -9.95
N ARG A 166 -8.60 -39.20 -9.05
CA ARG A 166 -7.35 -38.46 -9.05
C ARG A 166 -6.16 -39.37 -8.75
N ALA A 167 -6.30 -40.24 -7.74
CA ALA A 167 -5.23 -41.18 -7.44
C ALA A 167 -4.95 -42.12 -8.61
N LEU A 168 -5.98 -42.45 -9.39
CA LEU A 168 -5.81 -43.32 -10.54
C LEU A 168 -5.27 -42.61 -11.78
N ASN A 170 -2.36 -41.00 -12.54
CA ASN A 170 -1.02 -41.43 -12.90
C ASN A 170 -0.87 -42.95 -12.80
N GLY A 171 -1.97 -43.66 -12.60
CA GLY A 171 -2.02 -45.10 -12.71
C GLY A 171 -2.26 -45.83 -11.40
N GLY A 172 -2.09 -45.16 -10.28
CA GLY A 172 -2.42 -45.76 -8.99
C GLY A 172 -1.83 -47.13 -8.77
N ASP A 173 -0.55 -47.31 -9.09
CA ASP A 173 0.12 -48.57 -8.81
C ASP A 173 -0.05 -48.95 -7.35
N VAL A 174 0.32 -48.04 -6.44
CA VAL A 174 0.06 -48.19 -5.02
C VAL A 174 -0.83 -47.03 -4.61
N ILE A 175 -2.06 -47.34 -4.21
CA ILE A 175 -2.99 -46.36 -3.67
C ILE A 175 -2.89 -46.42 -2.16
N LEU A 176 -2.53 -45.30 -1.56
CA LEU A 176 -2.43 -45.18 -0.11
C LEU A 176 -3.62 -44.39 0.40
N ALA A 177 -4.46 -45.05 1.19
CA ALA A 177 -5.65 -44.46 1.75
C ALA A 177 -5.46 -44.27 3.26
N ASP A 178 -5.61 -43.04 3.72
CA ASP A 178 -5.75 -42.77 5.15
C ASP A 178 -7.18 -43.20 5.46
N GLU A 179 -7.76 -42.85 6.63
CA GLU A 179 -9.10 -43.39 6.87
C GLU A 179 -10.07 -42.94 5.78
N PRO A 180 -10.41 -43.79 4.81
CA PRO A 180 -11.19 -43.28 3.68
C PRO A 180 -12.65 -43.07 4.03
N THR A 181 -13.15 -43.86 4.97
CA THR A 181 -14.53 -43.82 5.43
C THR A 181 -14.71 -43.09 6.74
N GLY A 182 -13.64 -42.51 7.30
CA GLY A 182 -13.77 -41.84 8.57
C GLY A 182 -14.66 -40.62 8.50
N ALA A 183 -14.67 -39.94 7.35
CA ALA A 183 -15.48 -38.75 7.18
C ALA A 183 -16.93 -39.06 6.83
N LEU A 184 -17.18 -40.17 6.13
CA LEU A 184 -18.44 -40.38 5.42
C LEU A 184 -19.20 -41.58 5.98
N ASP A 185 -20.47 -41.65 5.60
CA ASP A 185 -21.47 -42.49 6.25
C ASP A 185 -21.37 -43.95 5.77
N SER A 186 -22.37 -44.75 6.13
CA SER A 186 -22.31 -46.19 5.88
C SER A 186 -22.45 -46.51 4.40
N HIS A 187 -23.43 -45.90 3.72
CA HIS A 187 -23.68 -46.21 2.31
C HIS A 187 -22.48 -45.81 1.45
N SER A 188 -22.08 -44.53 1.54
CA SER A 188 -20.92 -44.08 0.78
C SER A 188 -19.63 -44.76 1.24
N GLY A 189 -19.59 -45.24 2.49
CA GLY A 189 -18.47 -46.05 2.92
C GLY A 189 -18.40 -47.37 2.18
N VAL A 190 -19.54 -48.05 2.08
CA VAL A 190 -19.59 -49.29 1.30
C VAL A 190 -19.22 -49.02 -0.15
N GLU A 191 -19.65 -47.87 -0.69
CA GLU A 191 -19.32 -47.54 -2.08
C GLU A 191 -17.81 -47.35 -2.26
N VAL A 192 -17.21 -46.50 -1.44
CA VAL A 192 -15.77 -46.24 -1.54
C VAL A 192 -14.99 -47.53 -1.36
N ARG A 194 -15.95 -50.73 -1.63
CA ARG A 194 -16.13 -51.65 -2.75
C ARG A 194 -15.30 -51.20 -3.94
N ILE A 195 -15.23 -49.88 -4.17
CA ILE A 195 -14.44 -49.38 -5.30
C ILE A 195 -12.98 -49.74 -5.12
N LEU A 196 -12.47 -49.62 -3.89
CA LEU A 196 -11.09 -50.03 -3.62
C LEU A 196 -10.90 -51.51 -3.88
N ARG A 197 -11.75 -52.36 -3.30
CA ARG A 197 -11.61 -53.80 -3.52
C ARG A 197 -11.67 -54.15 -5.01
N GLU A 198 -12.52 -53.46 -5.77
CA GLU A 198 -12.58 -53.70 -7.21
C GLU A 198 -11.29 -53.29 -7.88
N LEU A 199 -10.67 -52.19 -7.43
CA LEU A 199 -9.39 -51.78 -8.00
C LEU A 199 -8.30 -52.77 -7.68
N ASN A 200 -8.34 -53.39 -6.49
CA ASN A 200 -7.35 -54.42 -6.16
C ASN A 200 -7.59 -55.69 -6.97
N ALA A 201 -8.87 -56.03 -7.20
CA ALA A 201 -9.19 -57.12 -8.11
C ALA A 201 -8.53 -56.93 -9.47
N ALA A 202 -8.37 -55.68 -9.91
CA ALA A 202 -7.71 -55.34 -11.16
C ALA A 202 -6.19 -55.32 -11.04
N GLY A 203 -5.64 -55.51 -9.83
CA GLY A 203 -4.21 -55.56 -9.64
C GLY A 203 -3.61 -54.36 -8.96
N HIS A 204 -4.43 -53.38 -8.54
CA HIS A 204 -3.90 -52.24 -7.81
C HIS A 204 -3.46 -52.66 -6.42
N THR A 205 -2.21 -52.38 -6.08
CA THR A 205 -1.77 -52.51 -4.70
C THR A 205 -2.44 -51.40 -3.88
N ILE A 206 -3.20 -51.78 -2.86
CA ILE A 206 -3.92 -50.82 -2.02
C ILE A 206 -3.52 -51.03 -0.58
N ILE A 207 -3.03 -49.95 0.05
CA ILE A 207 -2.69 -49.95 1.47
C ILE A 207 -3.56 -48.90 2.13
N LEU A 208 -4.45 -49.34 3.01
CA LEU A 208 -5.32 -48.44 3.76
C LEU A 208 -4.96 -48.52 5.23
N VAL A 209 -4.64 -47.38 5.82
CA VAL A 209 -4.31 -47.28 7.23
C VAL A 209 -5.57 -46.86 7.99
N THR A 210 -5.80 -47.47 9.15
CA THR A 210 -7.06 -47.23 9.82
C THR A 210 -6.90 -47.48 11.31
N HIS A 211 -7.74 -46.80 12.10
CA HIS A 211 -7.84 -47.07 13.53
C HIS A 211 -9.02 -47.95 13.87
N ASP A 212 -9.80 -48.36 12.87
CA ASP A 212 -11.02 -49.12 13.04
C ASP A 212 -10.80 -50.52 12.49
N GLN A 214 -13.09 -52.95 12.10
CA GLN A 214 -14.14 -53.27 11.14
C GLN A 214 -13.81 -52.75 9.75
N VAL A 215 -13.10 -51.61 9.68
CA VAL A 215 -12.62 -51.13 8.40
C VAL A 215 -11.50 -52.02 7.88
N ALA A 216 -10.54 -52.35 8.75
CA ALA A 216 -9.40 -53.15 8.34
C ALA A 216 -9.80 -54.52 7.83
N LYS A 217 -10.97 -55.02 8.21
CA LYS A 217 -11.39 -56.34 7.75
C LYS A 217 -11.75 -56.36 6.27
N ASN A 218 -11.95 -55.21 5.63
CA ASN A 218 -12.12 -55.21 4.18
C ASN A 218 -10.87 -55.69 3.46
N ALA A 219 -9.70 -55.61 4.09
CA ALA A 219 -8.47 -56.03 3.46
C ALA A 219 -8.28 -57.54 3.53
N THR A 220 -7.49 -58.05 2.58
CA THR A 220 -7.08 -59.45 2.60
C THR A 220 -5.95 -59.72 3.57
N ARG A 221 -5.15 -58.70 3.90
CA ARG A 221 -4.03 -58.82 4.82
C ARG A 221 -4.15 -57.71 5.84
N ILE A 222 -4.15 -58.06 7.13
CA ILE A 222 -4.32 -57.08 8.20
C ILE A 222 -3.05 -57.06 9.03
N ILE A 223 -2.29 -55.97 8.91
CA ILE A 223 -1.13 -55.69 9.73
C ILE A 223 -1.59 -54.81 10.89
N GLU A 224 -1.16 -55.13 12.10
CA GLU A 224 -1.59 -54.41 13.30
C GLU A 224 -0.34 -53.87 14.00
N ILE A 225 -0.38 -52.59 14.38
CA ILE A 225 0.79 -51.87 14.85
C ILE A 225 0.44 -51.11 16.14
N SER A 226 1.34 -51.18 17.11
CA SER A 226 1.22 -50.45 18.37
C SER A 226 2.62 -50.09 18.84
N ASP A 227 2.74 -48.89 19.42
CA ASP A 227 3.99 -48.38 19.97
C ASP A 227 5.17 -48.60 19.01
N GLY A 228 4.93 -48.30 17.74
CA GLY A 228 6.00 -48.32 16.76
C GLY A 228 6.46 -49.68 16.33
N GLU A 229 5.70 -50.73 16.61
CA GLU A 229 6.06 -52.07 16.18
C GLU A 229 4.81 -52.78 15.68
N ILE A 230 5.00 -53.74 14.78
CA ILE A 230 3.88 -54.50 14.25
C ILE A 230 3.71 -55.73 15.14
N ILE A 231 2.60 -55.75 15.87
CA ILE A 231 2.28 -56.85 16.76
C ILE A 231 1.65 -58.01 15.99
N SER A 232 0.87 -57.72 14.95
CA SER A 232 0.17 -58.74 14.19
C SER A 232 0.31 -58.52 12.69
N ASP A 233 0.47 -59.61 11.96
CA ASP A 233 0.33 -59.60 10.51
C ASP A 233 -0.25 -60.96 10.12
N ARG A 234 -1.25 -60.96 9.23
CA ARG A 234 -2.10 -62.15 9.13
C ARG A 234 -3.09 -62.02 7.97
N PRO A 235 -3.34 -63.11 7.25
CA PRO A 235 -4.34 -63.08 6.18
C PRO A 235 -5.74 -62.83 6.72
N ASN A 236 -6.62 -62.39 5.83
CA ASN A 236 -8.02 -62.19 6.18
C ASN A 236 -8.88 -62.40 4.94
N VAL A 237 -10.05 -63.01 5.13
CA VAL A 237 -11.06 -63.07 4.08
C VAL A 237 -12.29 -62.33 4.57
N PRO A 238 -12.60 -61.16 3.98
CA PRO A 238 -13.80 -60.43 4.40
C PRO A 238 -15.08 -61.17 4.04
N ASP A 239 -16.09 -61.00 4.90
CA ASP A 239 -17.38 -61.61 4.64
C ASP A 239 -18.11 -60.92 3.49
N GLN A 240 -17.80 -59.64 3.25
CA GLN A 240 -18.45 -58.87 2.20
C GLN A 240 -18.01 -59.31 0.81
N SER A 241 -17.04 -60.21 0.69
CA SER A 241 -16.66 -60.74 -0.62
C SER A 241 -17.81 -61.48 -1.27
N LEU A 242 -18.64 -62.16 -0.48
CA LEU A 242 -19.85 -62.77 -1.03
C LEU A 242 -20.98 -61.75 -1.18
N GLU A 243 -21.06 -60.79 -0.25
CA GLU A 243 -22.07 -59.75 -0.35
C GLU A 243 -21.81 -58.82 -1.52
N GLU A 244 -20.54 -58.65 -1.90
CA GLU A 244 -20.18 -57.88 -3.08
C GLU A 244 -19.86 -58.87 -4.20
N VAL A 245 -20.77 -58.97 -5.17
CA VAL A 245 -20.54 -59.77 -6.37
C VAL A 245 -20.30 -58.80 -7.52
N LYS A 246 -19.40 -59.17 -8.42
CA LYS A 246 -18.95 -58.25 -9.46
C LYS A 246 -19.78 -58.44 -10.72
N SER A 247 -20.75 -57.55 -10.93
CA SER A 247 -21.48 -57.48 -12.19
C SER A 247 -20.87 -56.47 -13.14
N ASP A 248 -19.93 -55.65 -12.64
CA ASP A 248 -19.23 -54.65 -13.42
C ASP A 248 -17.78 -54.67 -12.96
N PRO A 249 -16.96 -55.56 -13.52
CA PRO A 249 -15.52 -55.49 -13.24
C PRO A 249 -15.00 -54.09 -13.55
N ASP A 250 -14.30 -53.51 -12.59
CA ASP A 250 -13.68 -52.21 -12.74
C ASP A 250 -12.18 -52.43 -12.73
N ALA A 251 -11.56 -52.28 -13.91
CA ALA A 251 -10.13 -52.47 -14.08
C ALA A 251 -9.55 -51.25 -14.77
N ALA A 252 -8.76 -50.47 -14.04
CA ALA A 252 -8.11 -49.27 -14.57
C ALA A 252 -6.70 -49.16 -14.02
N PRO A 253 -5.83 -50.12 -14.31
CA PRO A 253 -4.44 -50.03 -13.86
C PRO A 253 -3.64 -49.13 -14.79
N ALA A 254 -2.35 -49.01 -14.48
CA ALA A 254 -1.43 -48.19 -15.26
C ALA A 254 -1.39 -48.63 -16.73
N ALA A 267 14.95 -30.53 -22.80
CA ALA A 267 15.90 -29.49 -23.17
C ALA A 267 15.29 -28.10 -22.91
N TRP A 268 14.94 -27.42 -23.99
CA TRP A 268 14.28 -26.12 -23.93
C TRP A 268 12.78 -26.21 -23.77
N ARG A 269 12.26 -27.43 -23.63
CA ARG A 269 10.82 -27.71 -23.81
C ARG A 269 9.99 -27.54 -22.55
N SER A 270 10.18 -28.42 -21.57
CA SER A 270 9.15 -28.66 -20.57
C SER A 270 9.05 -27.56 -19.51
N THR A 271 10.12 -26.82 -19.25
CA THR A 271 10.01 -25.71 -18.31
C THR A 271 9.00 -24.68 -18.80
N LEU A 272 8.98 -24.44 -20.11
CA LEU A 272 7.96 -23.57 -20.70
C LEU A 272 6.57 -24.15 -20.49
N ASP A 273 6.45 -25.47 -20.56
CA ASP A 273 5.16 -26.11 -20.26
C ASP A 273 4.75 -25.83 -18.82
N ARG A 274 5.68 -25.98 -17.87
CA ARG A 274 5.34 -25.76 -16.47
C ARG A 274 4.97 -24.31 -16.21
N LEU A 275 5.59 -23.38 -16.95
CA LEU A 275 5.23 -21.97 -16.83
C LEU A 275 3.85 -21.71 -17.41
N SER A 276 3.52 -22.39 -18.52
CA SER A 276 2.16 -22.28 -19.07
C SER A 276 1.12 -22.78 -18.08
N GLU A 277 1.34 -23.96 -17.51
CA GLU A 277 0.42 -24.49 -16.51
C GLU A 277 0.29 -23.55 -15.32
N ALA A 278 1.43 -23.10 -14.77
CA ALA A 278 1.41 -22.17 -13.64
C ALA A 278 0.64 -20.89 -13.99
N PHE A 279 0.79 -20.40 -15.22
CA PHE A 279 0.02 -19.24 -15.65
C PHE A 279 -1.47 -19.55 -15.65
N GLN A 280 -1.85 -20.71 -16.18
CA GLN A 280 -3.27 -21.07 -16.26
C GLN A 280 -3.88 -21.16 -14.86
N ALA A 282 -2.66 -20.02 -11.85
CA ALA A 282 -2.66 -18.72 -11.20
C ALA A 282 -3.81 -17.87 -11.70
N LEU A 283 -4.08 -17.94 -13.01
CA LEU A 283 -5.18 -17.17 -13.59
C LEU A 283 -6.52 -17.63 -13.05
N LEU A 284 -6.76 -18.95 -13.04
CA LEU A 284 -8.03 -19.46 -12.54
C LEU A 284 -8.19 -19.23 -11.05
N SER A 285 -7.09 -19.22 -10.29
CA SER A 285 -7.17 -18.91 -8.87
C SER A 285 -7.53 -17.44 -8.67
N ASN A 287 -9.37 -15.83 -10.76
CA ASN A 287 -10.78 -15.79 -11.11
C ASN A 287 -11.64 -16.31 -9.96
N ALA A 288 -11.15 -17.29 -9.21
CA ALA A 288 -11.87 -17.80 -8.04
C ALA A 288 -12.11 -16.69 -7.02
N HIS A 289 -11.04 -16.05 -6.56
CA HIS A 289 -11.13 -14.99 -5.56
C HIS A 289 -10.97 -13.66 -6.29
N ARG A 290 -12.07 -12.95 -6.46
CA ARG A 290 -12.07 -11.72 -7.27
C ARG A 290 -11.83 -10.48 -6.41
N ARG A 292 -10.66 -9.99 -3.52
CA ARG A 292 -9.28 -9.98 -3.05
C ARG A 292 -8.33 -9.48 -4.13
N THR A 293 -8.50 -9.98 -5.36
CA THR A 293 -7.61 -9.60 -6.46
C THR A 293 -7.76 -8.13 -6.80
N PHE A 294 -8.99 -7.64 -6.90
CA PHE A 294 -9.22 -6.24 -7.25
C PHE A 294 -8.71 -5.30 -6.18
N LEU A 295 -8.82 -5.70 -4.90
CA LEU A 295 -8.29 -4.87 -3.83
C LEU A 295 -6.76 -4.88 -3.84
N THR A 296 -6.17 -6.06 -3.98
CA THR A 296 -4.71 -6.17 -4.01
C THR A 296 -4.12 -5.38 -5.16
N LEU A 298 -5.63 -2.92 -6.61
CA LEU A 298 -6.07 -1.53 -6.54
C LEU A 298 -5.00 -0.61 -5.97
N GLY A 299 -4.29 -1.08 -4.94
CA GLY A 299 -3.14 -0.33 -4.44
C GLY A 299 -2.12 -0.03 -5.51
N ILE A 300 -1.82 -1.02 -6.35
CA ILE A 300 -0.82 -0.82 -7.41
C ILE A 300 -1.39 0.03 -8.54
N ILE A 301 -2.68 -0.07 -8.82
CA ILE A 301 -3.29 0.83 -9.79
C ILE A 301 -3.13 2.28 -9.33
N ILE A 302 -3.49 2.55 -8.08
CA ILE A 302 -3.28 3.88 -7.50
C ILE A 302 -1.82 4.29 -7.58
N GLY A 303 -0.90 3.38 -7.26
CA GLY A 303 0.51 3.72 -7.24
C GLY A 303 1.06 4.07 -8.60
N ILE A 304 0.90 3.16 -9.57
CA ILE A 304 1.39 3.41 -10.93
C ILE A 304 0.70 4.64 -11.53
N ALA A 305 -0.58 4.81 -11.23
CA ALA A 305 -1.28 6.01 -11.69
C ALA A 305 -0.63 7.27 -11.13
N SER A 306 -0.29 7.25 -9.83
CA SER A 306 0.32 8.42 -9.21
C SER A 306 1.70 8.71 -9.77
N VAL A 307 2.56 7.69 -9.90
CA VAL A 307 3.89 7.93 -10.45
C VAL A 307 3.79 8.48 -11.87
N VAL A 308 3.08 7.78 -12.76
CA VAL A 308 3.04 8.23 -14.15
C VAL A 308 2.38 9.59 -14.26
N THR A 309 1.37 9.85 -13.42
CA THR A 309 0.72 11.17 -13.40
C THR A 309 1.71 12.26 -12.99
N VAL A 310 2.50 12.01 -11.95
CA VAL A 310 3.43 13.02 -11.47
C VAL A 310 4.55 13.27 -12.47
N VAL A 311 5.18 12.20 -12.97
CA VAL A 311 6.28 12.38 -13.93
C VAL A 311 5.78 13.06 -15.19
N ALA A 312 4.61 12.64 -15.70
CA ALA A 312 4.09 13.22 -16.93
C ALA A 312 3.64 14.66 -16.71
N LEU A 313 3.09 14.96 -15.53
CA LEU A 313 2.76 16.34 -15.17
C LEU A 313 4.01 17.21 -15.16
N GLY A 314 5.09 16.72 -14.55
CA GLY A 314 6.33 17.49 -14.52
C GLY A 314 6.93 17.69 -15.89
N ASN A 315 6.97 16.63 -16.70
CA ASN A 315 7.48 16.75 -18.06
C ASN A 315 6.66 17.76 -18.86
N GLY A 316 5.34 17.66 -18.78
CA GLY A 316 4.49 18.58 -19.53
C GLY A 316 4.55 20.01 -19.02
N SER A 317 4.78 20.20 -17.73
CA SER A 317 4.87 21.54 -17.18
C SER A 317 6.21 22.19 -17.52
N GLN A 318 7.28 21.40 -17.51
CA GLN A 318 8.54 21.85 -18.08
C GLN A 318 8.36 22.19 -19.56
N GLN A 319 7.65 21.33 -20.29
CA GLN A 319 7.37 21.56 -21.71
C GLN A 319 6.67 22.90 -21.92
N GLN A 320 5.72 23.25 -21.07
CA GLN A 320 5.00 24.51 -21.22
C GLN A 320 5.85 25.70 -20.79
N ILE A 321 6.45 25.63 -19.60
CA ILE A 321 7.22 26.77 -19.11
C ILE A 321 8.44 27.03 -19.98
N LEU A 322 8.90 26.04 -20.74
CA LEU A 322 9.91 26.33 -21.76
C LEU A 322 9.27 27.00 -22.98
N SER A 323 8.09 26.53 -23.40
CA SER A 323 7.40 27.16 -24.52
C SER A 323 6.82 28.53 -24.16
N ASN A 324 6.57 28.79 -22.87
CA ASN A 324 6.17 30.14 -22.50
C ASN A 324 7.34 31.11 -22.55
N ILE A 325 8.55 30.64 -22.23
CA ILE A 325 9.76 31.44 -22.39
C ILE A 325 10.43 31.18 -23.74
N SER A 326 9.81 30.36 -24.60
CA SER A 326 10.30 30.21 -25.97
C SER A 326 10.07 31.46 -26.81
N SER A 327 9.40 32.47 -26.26
CA SER A 327 9.35 33.77 -26.94
C SER A 327 10.73 34.37 -27.11
N LEU A 328 11.73 33.84 -26.41
CA LEU A 328 13.12 34.23 -26.61
C LEU A 328 13.75 33.30 -27.65
N GLY A 329 14.99 33.56 -28.01
CA GLY A 329 15.70 32.80 -29.01
C GLY A 329 16.79 31.92 -28.41
N THR A 330 17.51 31.25 -29.31
CA THR A 330 18.66 30.45 -28.93
C THR A 330 19.90 31.33 -29.06
N ASN A 331 20.76 31.29 -28.05
CA ASN A 331 21.91 32.19 -27.96
C ASN A 331 21.46 33.64 -28.11
N THR A 332 20.37 34.00 -27.41
CA THR A 332 19.73 35.30 -27.55
C THR A 332 19.82 36.07 -26.24
N ILE A 333 20.56 37.18 -26.26
CA ILE A 333 20.60 38.13 -25.17
C ILE A 333 19.60 39.25 -25.47
N THR A 334 18.72 39.54 -24.51
CA THR A 334 17.75 40.61 -24.64
C THR A 334 18.15 41.76 -23.72
N VAL A 335 17.85 42.99 -24.14
CA VAL A 335 18.24 44.18 -23.39
C VAL A 335 16.98 45.00 -23.11
N PHE A 336 16.66 45.20 -21.84
CA PHE A 336 15.48 45.99 -21.45
C PHE A 336 15.89 47.26 -20.72
N GLN A 337 14.89 48.09 -20.42
CA GLN A 337 15.02 49.17 -19.44
C GLN A 337 13.65 49.68 -19.06
N GLY A 338 13.60 50.39 -17.93
CA GLY A 338 12.52 51.32 -17.63
C GLY A 338 11.37 50.85 -16.76
N ARG A 339 10.87 51.75 -15.92
CA ARG A 339 9.74 51.48 -15.03
C ARG A 339 8.70 52.61 -14.98
N GLY A 340 9.08 53.78 -14.47
CA GLY A 340 8.08 54.74 -13.98
C GLY A 340 7.42 55.59 -15.06
N PHE A 341 6.16 55.97 -14.80
CA PHE A 341 5.40 56.86 -15.68
C PHE A 341 5.91 58.29 -15.54
N GLY A 342 5.53 59.14 -16.49
CA GLY A 342 5.77 60.55 -16.29
C GLY A 342 5.64 61.37 -17.55
N ASP A 343 6.31 62.51 -17.55
CA ASP A 343 6.21 63.50 -18.62
C ASP A 343 6.94 63.02 -19.88
N ASN A 344 6.94 63.87 -20.91
CA ASN A 344 7.82 63.66 -22.05
C ASN A 344 9.24 64.09 -21.73
N SER A 345 9.40 65.02 -20.79
CA SER A 345 10.70 65.49 -20.36
C SER A 345 11.31 64.56 -19.30
N LYS A 346 10.61 64.42 -18.17
CA LYS A 346 11.16 63.76 -16.99
C LYS A 346 11.07 62.23 -17.06
N THR A 347 10.60 61.67 -18.17
CA THR A 347 10.60 60.23 -18.39
C THR A 347 11.26 59.87 -19.72
N ALA A 348 10.72 60.36 -20.83
CA ALA A 348 11.22 60.01 -22.15
C ALA A 348 12.66 60.46 -22.39
N ASN A 349 13.15 61.44 -21.64
CA ASN A 349 14.57 61.79 -21.76
C ASN A 349 15.46 60.72 -21.17
N PHE A 350 14.96 59.98 -20.19
CA PHE A 350 15.73 58.91 -19.56
C PHE A 350 15.56 57.58 -20.26
N LYS A 351 14.87 57.54 -21.40
CA LYS A 351 14.79 56.32 -22.19
C LYS A 351 15.93 56.35 -23.20
N THR A 352 16.97 55.57 -22.93
CA THR A 352 18.21 55.62 -23.70
C THR A 352 18.34 54.52 -24.73
N LEU A 353 17.41 53.56 -24.81
CA LEU A 353 17.48 52.56 -25.86
C LEU A 353 16.94 53.17 -27.15
N VAL A 354 17.79 53.24 -28.15
CA VAL A 354 17.50 53.88 -29.42
C VAL A 354 17.92 52.85 -30.45
N PRO A 355 17.32 52.80 -31.64
CA PRO A 355 17.81 51.83 -32.64
C PRO A 355 19.27 52.03 -32.96
N ALA A 356 19.79 53.25 -32.77
CA ALA A 356 21.23 53.49 -32.90
C ALA A 356 22.02 52.54 -32.01
N ASP A 357 21.48 52.19 -30.84
CA ASP A 357 22.14 51.20 -30.00
C ASP A 357 22.25 49.86 -30.71
N ALA A 358 21.17 49.45 -31.38
CA ALA A 358 21.20 48.19 -32.12
C ALA A 358 22.20 48.25 -33.26
N ASP A 359 22.24 49.40 -33.97
CA ASP A 359 23.22 49.56 -35.04
C ASP A 359 24.63 49.44 -34.51
N ALA A 360 24.90 50.03 -33.34
CA ALA A 360 26.21 49.88 -32.71
C ALA A 360 26.51 48.42 -32.38
N LEU A 361 25.54 47.72 -31.79
CA LEU A 361 25.72 46.32 -31.45
C LEU A 361 25.97 45.47 -32.68
N THR A 363 27.81 45.94 -35.27
CA THR A 363 29.20 45.94 -35.71
C THR A 363 30.12 45.19 -34.77
N GLN A 364 29.59 44.60 -33.71
CA GLN A 364 30.42 43.89 -32.75
C GLN A 364 30.77 42.50 -33.29
N PRO A 365 31.97 42.00 -32.98
CA PRO A 365 32.38 40.71 -33.53
C PRO A 365 31.55 39.53 -33.05
N TYR A 366 31.02 39.60 -31.83
CA TYR A 366 30.25 38.49 -31.26
C TYR A 366 28.78 38.48 -31.69
N VAL A 367 28.32 39.51 -32.39
CA VAL A 367 26.92 39.63 -32.77
C VAL A 367 26.71 39.07 -34.17
N SER A 368 25.88 38.02 -34.27
CA SER A 368 25.46 37.55 -35.59
C SER A 368 24.27 38.36 -36.11
N ALA A 369 23.31 38.67 -35.25
CA ALA A 369 22.13 39.43 -35.66
C ALA A 369 21.63 40.27 -34.49
N VAL A 370 20.98 41.38 -34.82
CA VAL A 370 20.33 42.24 -33.84
C VAL A 370 19.07 42.81 -34.45
N SER A 371 18.05 42.97 -33.61
CA SER A 371 16.85 43.66 -33.93
C SER A 371 16.45 44.40 -32.67
N PRO A 372 15.96 45.62 -32.79
CA PRO A 372 15.19 46.22 -31.69
C PRO A 372 13.79 45.66 -31.72
N VAL A 374 9.55 46.68 -30.48
CA VAL A 374 8.51 47.46 -29.83
C VAL A 374 7.20 46.81 -30.22
N SER A 375 6.18 47.02 -29.40
CA SER A 375 4.92 46.30 -29.60
C SER A 375 3.76 47.20 -29.25
N THR A 376 2.64 46.97 -29.93
CA THR A 376 1.38 47.60 -29.55
C THR A 376 0.25 46.70 -30.00
N SER A 377 -0.86 46.75 -29.26
CA SER A 377 -2.01 45.91 -29.52
C SER A 377 -3.04 46.73 -30.28
N LYS A 378 -3.41 46.28 -31.47
CA LYS A 378 -4.37 47.02 -32.29
C LYS A 378 -5.38 46.04 -32.89
N THR A 379 -6.45 46.61 -33.44
CA THR A 379 -7.55 45.82 -33.98
C THR A 379 -7.27 45.53 -35.45
N ARG A 381 -8.23 44.18 -39.02
CA ARG A 381 -9.41 43.99 -39.84
C ARG A 381 -9.01 43.53 -41.23
N TYR A 382 -9.58 42.43 -41.69
CA TYR A 382 -9.46 41.98 -43.07
C TYR A 382 -10.85 41.65 -43.57
N GLN A 383 -11.33 42.40 -44.56
CA GLN A 383 -12.69 42.25 -45.09
C GLN A 383 -13.64 42.49 -43.92
N GLN A 384 -14.56 41.58 -43.63
CA GLN A 384 -15.52 41.74 -42.54
C GLN A 384 -14.97 41.29 -41.18
N ASN A 385 -13.85 40.59 -41.15
CA ASN A 385 -13.35 40.05 -39.88
C ASN A 385 -12.73 41.13 -39.01
N GLU A 386 -13.11 41.14 -37.74
CA GLU A 386 -12.43 41.89 -36.70
C GLU A 386 -11.62 40.92 -35.85
N ALA A 387 -10.46 41.36 -35.38
CA ALA A 387 -9.72 40.62 -34.37
C ALA A 387 -8.77 41.59 -33.68
N ASN A 388 -8.07 41.09 -32.66
CA ASN A 388 -7.11 41.88 -31.91
C ASN A 388 -5.75 41.21 -32.05
N ALA A 389 -4.75 41.99 -32.46
CA ALA A 389 -3.43 41.46 -32.77
C ALA A 389 -2.33 42.26 -32.11
N THR A 390 -1.26 41.56 -31.76
CA THR A 390 -0.02 42.17 -31.30
C THR A 390 0.84 42.53 -32.50
N ILE A 391 1.22 43.80 -32.59
CA ILE A 391 1.98 44.34 -33.71
C ILE A 391 3.37 44.66 -33.21
N ASN A 392 4.36 44.00 -33.80
CA ASN A 392 5.74 44.00 -33.36
C ASN A 392 6.57 44.75 -34.39
N GLY A 393 7.02 45.96 -34.02
CA GLY A 393 8.04 46.63 -34.79
C GLY A 393 9.36 45.91 -34.62
N VAL A 394 9.97 45.46 -35.71
CA VAL A 394 11.19 44.67 -35.64
C VAL A 394 12.11 45.02 -36.81
N SER A 395 13.39 44.69 -36.64
CA SER A 395 14.34 44.72 -37.74
C SER A 395 14.08 43.57 -38.70
N ASN A 396 14.56 43.73 -39.93
CA ASN A 396 14.47 42.63 -40.89
C ASN A 396 15.30 41.43 -40.45
N ASP A 397 16.33 41.65 -39.61
CA ASP A 397 17.10 40.56 -39.04
C ASP A 397 16.37 39.82 -37.94
N TYR A 398 15.22 40.32 -37.49
CA TYR A 398 14.59 39.81 -36.28
C TYR A 398 14.26 38.32 -36.42
N PHE A 399 13.69 37.94 -37.56
CA PHE A 399 13.35 36.54 -37.76
C PHE A 399 14.59 35.66 -37.75
N ASP A 400 15.74 36.22 -38.12
CA ASP A 400 17.00 35.51 -38.00
C ASP A 400 17.39 35.30 -36.54
N VAL A 401 17.25 36.32 -35.70
CA VAL A 401 17.75 36.20 -34.33
C VAL A 401 16.82 35.35 -33.48
N LYS A 402 15.51 35.60 -33.53
CA LYS A 402 14.57 34.76 -32.80
C LYS A 402 14.41 33.36 -33.39
N GLY A 403 15.01 33.10 -34.56
CA GLY A 403 14.97 31.77 -35.13
C GLY A 403 13.67 31.39 -35.80
N LEU A 404 12.87 32.37 -36.21
CA LEU A 404 11.61 32.08 -36.88
C LEU A 404 11.88 31.68 -38.32
N VAL A 405 11.11 30.69 -38.79
CA VAL A 405 11.23 30.19 -40.16
C VAL A 405 9.96 30.56 -40.90
N PHE A 406 10.11 30.99 -42.16
CA PHE A 406 8.99 31.47 -42.95
C PHE A 406 8.32 30.31 -43.68
N LYS A 407 7.02 30.17 -43.47
CA LYS A 407 6.24 29.17 -44.17
C LYS A 407 6.19 29.46 -45.67
N ASP A 408 5.98 30.73 -46.04
CA ASP A 408 5.77 31.05 -47.44
C ASP A 408 6.64 32.21 -47.92
N GLY A 409 6.41 33.41 -47.40
CA GLY A 409 6.93 34.63 -48.00
C GLY A 409 8.33 35.00 -47.57
N GLN A 410 8.60 36.30 -47.56
CA GLN A 410 9.89 36.87 -47.21
C GLN A 410 9.74 37.92 -46.12
N THR A 411 10.85 38.25 -45.48
CA THR A 411 10.92 39.31 -44.49
C THR A 411 10.99 40.66 -45.21
N PHE A 412 11.21 41.74 -44.48
CA PHE A 412 11.35 43.02 -45.13
C PHE A 412 12.77 43.16 -45.66
N ASP A 413 13.08 44.35 -46.18
CA ASP A 413 14.40 44.71 -46.63
C ASP A 413 14.94 45.78 -45.69
N GLN A 414 16.27 45.98 -45.71
CA GLN A 414 16.80 47.12 -44.98
C GLN A 414 16.28 48.43 -45.55
N ARG A 415 16.01 48.47 -46.86
CA ARG A 415 15.39 49.65 -47.45
C ARG A 415 13.97 49.83 -46.91
N SER A 416 13.17 48.75 -46.90
CA SER A 416 11.80 48.86 -46.42
C SER A 416 11.75 49.21 -44.94
N VAL A 417 12.71 48.73 -44.15
CA VAL A 417 12.82 49.16 -42.76
C VAL A 417 13.14 50.65 -42.71
N ARG A 418 14.10 51.08 -43.53
CA ARG A 418 14.50 52.49 -43.57
C ARG A 418 13.36 53.38 -44.06
N ASP A 419 12.63 52.92 -45.08
CA ASP A 419 11.65 53.74 -45.77
C ASP A 419 10.29 53.77 -45.07
N ARG A 420 10.16 53.15 -43.89
CA ARG A 420 8.87 53.08 -43.19
C ARG A 420 7.84 52.33 -44.03
N SER A 421 8.26 51.19 -44.58
CA SER A 421 7.35 50.36 -45.35
C SER A 421 6.21 49.85 -44.48
N GLN A 422 5.03 49.74 -45.08
CA GLN A 422 3.91 49.07 -44.44
C GLN A 422 3.76 47.62 -44.89
N ASP A 423 4.76 47.07 -45.58
CA ASP A 423 4.84 45.62 -45.71
C ASP A 423 4.78 44.99 -44.34
N VAL A 424 4.08 43.85 -44.25
CA VAL A 424 3.83 43.21 -42.95
C VAL A 424 4.01 41.70 -43.08
N VAL A 425 4.47 41.09 -42.00
CA VAL A 425 4.64 39.65 -41.91
C VAL A 425 3.67 39.11 -40.87
N ILE A 426 3.09 37.94 -41.14
CA ILE A 426 2.08 37.33 -40.28
C ILE A 426 2.53 35.94 -39.84
N ASP A 427 2.04 35.50 -38.67
CA ASP A 427 2.31 34.16 -38.18
C ASP A 427 1.15 33.22 -38.52
N THR A 428 1.33 31.95 -38.19
CA THR A 428 0.33 30.94 -38.56
C THR A 428 -1.02 31.22 -37.92
N ASN A 429 -1.02 31.71 -36.68
CA ASN A 429 -2.28 31.94 -35.98
C ASN A 429 -3.15 32.97 -36.70
N THR A 430 -2.54 34.03 -37.22
CA THR A 430 -3.31 35.07 -37.90
C THR A 430 -3.87 34.56 -39.22
N GLN A 431 -3.06 33.80 -39.96
CA GLN A 431 -3.56 33.09 -41.14
C GLN A 431 -4.79 32.27 -40.79
N LYS A 432 -4.68 31.48 -39.71
CA LYS A 432 -5.81 30.67 -39.25
C LYS A 432 -7.03 31.51 -38.97
N GLN A 433 -6.84 32.66 -38.32
CA GLN A 433 -7.94 33.59 -38.07
C GLN A 433 -8.61 34.10 -39.35
N PHE A 434 -7.93 34.96 -40.11
CA PHE A 434 -8.63 35.63 -41.21
C PHE A 434 -8.69 34.80 -42.49
N PHE A 435 -7.59 34.13 -42.85
CA PHE A 435 -7.44 33.48 -44.13
C PHE A 435 -7.79 31.99 -44.11
N SER A 436 -8.55 31.55 -43.12
CA SER A 436 -9.01 30.17 -43.04
C SER A 436 -9.74 29.68 -44.30
N ASP A 437 -10.01 30.59 -45.24
CA ASP A 437 -10.61 30.20 -46.51
C ASP A 437 -9.64 29.45 -47.41
N GLY A 438 -8.38 29.33 -47.02
CA GLY A 438 -7.34 28.91 -47.92
C GLY A 438 -6.84 30.00 -48.84
N THR A 439 -7.32 31.23 -48.67
CA THR A 439 -6.91 32.34 -49.50
C THR A 439 -5.46 32.71 -49.18
N ASN A 440 -4.61 32.76 -50.19
CA ASN A 440 -3.20 33.02 -49.97
C ASN A 440 -3.05 34.42 -49.39
N PRO A 441 -2.53 34.56 -48.17
CA PRO A 441 -2.47 35.90 -47.56
C PRO A 441 -1.45 36.83 -48.20
N ILE A 442 -0.41 36.29 -48.83
CA ILE A 442 0.62 37.15 -49.42
C ILE A 442 0.01 38.03 -50.51
N GLY A 443 0.33 39.33 -50.45
CA GLY A 443 -0.24 40.31 -51.32
C GLY A 443 -1.51 40.97 -50.82
N GLN A 444 -2.21 40.33 -49.90
CA GLN A 444 -3.47 40.88 -49.39
C GLN A 444 -3.22 42.03 -48.42
N VAL A 445 -4.10 43.03 -48.49
CA VAL A 445 -3.99 44.22 -47.66
C VAL A 445 -4.99 44.10 -46.52
N VAL A 446 -4.47 43.95 -45.30
CA VAL A 446 -5.29 44.04 -44.10
C VAL A 446 -5.09 45.45 -43.56
N LEU A 447 -5.78 45.81 -42.48
CA LEU A 447 -5.42 47.01 -41.76
C LEU A 447 -5.17 46.68 -40.29
N LEU A 448 -4.10 47.24 -39.78
CA LEU A 448 -3.72 47.14 -38.38
C LEU A 448 -4.04 48.50 -37.75
N GLY A 449 -5.06 48.53 -36.92
CA GLY A 449 -5.52 49.79 -36.37
C GLY A 449 -6.06 50.69 -37.45
N SER A 450 -5.51 51.89 -37.57
CA SER A 450 -5.82 52.80 -38.67
C SER A 450 -4.82 52.74 -39.81
N VAL A 451 -3.85 51.84 -39.75
CA VAL A 451 -2.75 51.78 -40.70
C VAL A 451 -2.93 50.55 -41.59
N PRO A 452 -3.11 50.70 -42.90
CA PRO A 452 -3.17 49.52 -43.77
C PRO A 452 -1.79 48.91 -43.98
N ALA A 453 -1.77 47.60 -44.24
CA ALA A 453 -0.53 46.87 -44.44
C ALA A 453 -0.75 45.71 -45.40
N ARG A 454 0.24 45.43 -46.23
CA ARG A 454 0.17 44.30 -47.16
C ARG A 454 1.12 43.19 -46.71
N ILE A 455 0.62 41.96 -46.76
CA ILE A 455 1.31 40.79 -46.23
C ILE A 455 2.37 40.34 -47.23
N ILE A 456 3.64 40.35 -46.81
CA ILE A 456 4.72 39.83 -47.65
C ILE A 456 5.19 38.45 -47.22
N GLY A 457 4.68 37.88 -46.13
CA GLY A 457 5.24 36.65 -45.63
C GLY A 457 4.47 36.07 -44.46
N ILE A 458 4.70 34.77 -44.25
CA ILE A 458 4.06 34.00 -43.18
C ILE A 458 5.16 33.30 -42.38
N VAL A 459 4.98 33.23 -41.06
CA VAL A 459 5.98 32.69 -40.15
C VAL A 459 5.38 31.55 -39.34
N GLU A 460 6.14 30.47 -39.18
CA GLU A 460 5.74 29.38 -38.30
C GLU A 460 6.22 29.68 -36.88
N PRO A 461 5.32 29.77 -35.90
CA PRO A 461 5.71 30.27 -34.58
C PRO A 461 6.52 29.29 -33.73
N GLN A 462 6.73 29.65 -32.47
CA GLN A 462 7.60 28.95 -31.54
C GLN A 462 6.94 27.77 -30.85
N THR A 463 5.69 27.46 -31.18
CA THR A 463 4.89 26.55 -30.35
C THR A 463 5.47 25.14 -30.29
N SER A 464 5.56 24.61 -29.07
CA SER A 464 5.69 23.18 -28.82
C SER A 464 4.37 22.76 -28.18
N GLY A 465 3.57 22.01 -28.93
CA GLY A 465 2.22 21.70 -28.53
C GLY A 465 1.23 22.67 -29.14
N GLY A 467 -1.46 24.03 -27.54
CA GLY A 467 -2.08 24.92 -26.58
C GLY A 467 -1.20 26.08 -26.14
N SER A 468 0.04 26.13 -26.63
CA SER A 468 0.99 27.14 -26.19
C SER A 468 0.82 28.48 -26.90
N ASP A 469 0.52 28.47 -28.20
CA ASP A 469 0.73 29.64 -29.05
C ASP A 469 -0.29 30.76 -28.82
N ASP A 470 -1.56 30.49 -29.12
CA ASP A 470 -2.65 31.45 -28.91
C ASP A 470 -2.52 32.75 -29.72
N THR A 471 -2.23 33.86 -29.03
CA THR A 471 -2.37 35.22 -29.55
C THR A 471 -1.74 35.42 -30.93
N LEU A 472 -2.34 36.35 -31.68
CA LEU A 472 -2.01 36.62 -33.08
C LEU A 472 -0.85 37.61 -33.16
N ASN A 473 0.28 37.14 -33.70
CA ASN A 473 1.44 37.99 -33.89
C ASN A 473 1.50 38.54 -35.32
N VAL A 474 1.96 39.78 -35.42
CA VAL A 474 2.09 40.51 -36.68
C VAL A 474 3.35 41.34 -36.56
N TYR A 475 4.13 41.42 -37.63
CA TYR A 475 5.43 42.11 -37.59
C TYR A 475 5.53 43.15 -38.69
N PRO A 477 8.15 46.65 -39.89
CA PRO A 477 9.44 47.28 -39.58
C PRO A 477 9.29 48.25 -38.42
N TYR A 478 10.23 48.16 -37.49
CA TYR A 478 10.15 48.90 -36.24
C TYR A 478 10.02 50.40 -36.47
N THR A 479 10.69 50.90 -37.52
CA THR A 479 10.56 52.30 -37.90
C THR A 479 9.10 52.68 -38.11
N THR A 480 8.38 51.85 -38.86
CA THR A 480 6.99 52.17 -39.19
C THR A 480 6.09 52.11 -37.96
N VAL A 481 6.35 51.17 -37.05
CA VAL A 481 5.49 51.05 -35.87
C VAL A 481 5.73 52.22 -34.93
N SER A 483 7.02 55.25 -35.60
CA SER A 483 6.59 56.55 -36.15
C SER A 483 5.09 56.59 -36.40
N ARG A 484 4.55 55.59 -37.10
CA ARG A 484 3.17 55.60 -37.54
C ARG A 484 2.17 55.31 -36.43
N LEU A 486 3.09 54.41 -32.47
CA LEU A 486 3.39 54.77 -31.10
C LEU A 486 3.73 56.25 -30.95
N GLY A 487 4.51 56.79 -31.88
CA GLY A 487 4.96 58.16 -31.76
C GLY A 487 6.00 58.30 -30.67
N GLN A 488 7.04 57.48 -30.73
CA GLN A 488 8.08 57.45 -29.72
C GLN A 488 9.43 57.27 -30.38
N ALA A 489 10.47 57.80 -29.73
CA ALA A 489 11.83 57.77 -30.27
C ALA A 489 12.65 56.60 -29.74
N HIS A 490 12.10 55.78 -28.85
CA HIS A 490 12.86 54.81 -28.08
C HIS A 490 12.31 53.42 -28.31
N VAL A 491 13.12 52.42 -27.94
CA VAL A 491 12.84 51.02 -28.19
C VAL A 491 12.55 50.32 -26.87
N ARG A 492 11.52 49.46 -26.88
CA ARG A 492 11.17 48.71 -25.68
C ARG A 492 12.29 47.77 -25.25
N ASN A 493 12.98 47.15 -26.21
CA ASN A 493 14.07 46.21 -25.91
C ASN A 493 14.74 45.80 -27.22
N ILE A 494 15.92 45.20 -27.09
CA ILE A 494 16.77 44.86 -28.23
C ILE A 494 17.28 43.44 -28.04
N VAL A 495 17.10 42.61 -29.06
CA VAL A 495 17.47 41.20 -29.01
C VAL A 495 18.74 40.99 -29.82
N VAL A 496 19.63 40.15 -29.32
CA VAL A 496 20.95 39.93 -29.92
C VAL A 496 21.20 38.43 -29.97
N ARG A 497 21.44 37.89 -31.16
CA ARG A 497 21.93 36.52 -31.29
C ARG A 497 23.44 36.55 -31.37
N ILE A 498 24.08 35.67 -30.61
CA ILE A 498 25.52 35.74 -30.38
C ILE A 498 26.24 34.89 -31.43
N ASN A 499 27.10 35.53 -32.22
CA ASN A 499 27.77 34.89 -33.33
C ASN A 499 28.83 33.91 -32.84
N ASP A 500 29.38 33.14 -33.78
CA ASP A 500 30.48 32.21 -33.52
C ASP A 500 30.02 31.08 -32.62
N LYS A 501 28.79 31.16 -32.13
CA LYS A 501 28.39 30.50 -30.90
C LYS A 501 29.49 30.69 -29.86
N TYR A 502 29.73 31.97 -29.58
CA TYR A 502 30.80 32.41 -28.68
C TYR A 502 30.27 32.28 -27.26
N SER A 503 30.97 32.85 -26.29
CA SER A 503 30.50 32.80 -24.92
C SER A 503 29.37 33.80 -24.75
N THR A 504 28.17 33.30 -24.44
CA THR A 504 27.02 34.18 -24.26
C THR A 504 27.16 35.02 -23.01
N SER A 505 27.89 34.54 -22.01
CA SER A 505 28.13 35.35 -20.83
C SER A 505 29.08 36.50 -21.15
N ALA A 506 30.16 36.22 -21.89
CA ALA A 506 31.04 37.29 -22.31
C ALA A 506 30.32 38.23 -23.27
N ALA A 507 29.33 37.70 -24.00
CA ALA A 507 28.47 38.55 -24.82
C ALA A 507 27.70 39.55 -23.97
N GLU A 508 26.97 39.05 -22.96
CA GLU A 508 26.33 39.94 -22.00
C GLU A 508 27.29 40.97 -21.45
N ASN A 509 28.51 40.54 -21.10
CA ASN A 509 29.46 41.45 -20.48
C ASN A 509 29.83 42.60 -21.42
N ALA A 510 30.21 42.26 -22.66
CA ALA A 510 30.56 43.30 -23.63
C ALA A 510 29.34 44.11 -24.06
N ILE A 511 28.15 43.51 -24.08
CA ILE A 511 26.96 44.28 -24.43
C ILE A 511 26.62 45.30 -23.36
N VAL A 512 26.68 44.89 -22.09
CA VAL A 512 26.34 45.80 -21.00
C VAL A 512 27.39 46.88 -20.86
N ASN A 513 28.68 46.51 -21.00
CA ASN A 513 29.73 47.52 -21.03
C ASN A 513 29.52 48.49 -22.19
N LEU A 514 29.22 47.96 -23.37
CA LEU A 514 29.11 48.79 -24.57
C LEU A 514 27.95 49.77 -24.49
N LEU A 515 26.75 49.27 -24.23
CA LEU A 515 25.60 50.17 -24.14
C LEU A 515 25.68 51.05 -22.90
N THR A 516 26.33 50.57 -21.84
CA THR A 516 26.49 51.39 -20.65
C THR A 516 27.41 52.57 -20.93
N GLN A 517 28.48 52.35 -21.69
CA GLN A 517 29.34 53.46 -22.10
C GLN A 517 28.61 54.40 -23.06
N ARG A 518 27.88 53.84 -24.02
CA ARG A 518 27.18 54.69 -24.99
C ARG A 518 26.06 55.47 -24.33
N HIS A 519 25.33 54.83 -23.42
CA HIS A 519 24.40 55.60 -22.60
C HIS A 519 25.18 56.39 -21.56
N GLY A 520 24.47 57.26 -20.85
CA GLY A 520 25.13 58.03 -19.80
C GLY A 520 25.60 57.17 -18.63
N ALA A 521 24.82 56.16 -18.28
CA ALA A 521 25.03 55.42 -17.04
C ALA A 521 24.65 53.96 -17.27
N GLN A 522 24.49 53.21 -16.17
CA GLN A 522 24.06 51.81 -16.29
C GLN A 522 22.54 51.84 -16.36
N ASP A 523 22.03 51.76 -17.59
CA ASP A 523 20.62 51.99 -17.86
C ASP A 523 19.83 50.74 -18.21
N ILE A 524 20.48 49.58 -18.29
CA ILE A 524 19.99 48.46 -19.10
C ILE A 524 20.03 47.17 -18.29
N PHE A 525 18.93 46.42 -18.33
CA PHE A 525 18.83 45.06 -17.81
C PHE A 525 18.95 44.08 -18.97
N THR A 526 19.62 42.94 -18.73
CA THR A 526 19.81 41.93 -19.78
C THR A 526 19.39 40.55 -19.30
N ASN A 528 19.85 36.47 -20.28
CA ASN A 528 20.48 35.42 -21.06
C ASN A 528 19.46 34.30 -21.25
N SER A 529 19.11 34.01 -22.50
CA SER A 529 18.05 33.04 -22.77
C SER A 529 18.51 31.62 -22.42
N ASP A 530 19.72 31.25 -22.85
CA ASP A 530 20.21 29.90 -22.60
C ASP A 530 20.32 29.61 -21.11
N SER A 531 20.75 30.58 -20.31
CA SER A 531 20.86 30.37 -18.88
C SER A 531 19.50 30.28 -18.21
N ILE A 532 18.53 31.07 -18.67
CA ILE A 532 17.18 31.00 -18.10
C ILE A 532 16.54 29.65 -18.42
N ARG A 533 16.62 29.23 -19.69
CA ARG A 533 16.13 27.92 -20.07
C ARG A 533 16.81 26.83 -19.25
N GLN A 534 18.14 26.89 -19.15
CA GLN A 534 18.90 25.91 -18.39
C GLN A 534 18.43 25.84 -16.94
N THR A 535 18.24 27.01 -16.31
CA THR A 535 17.77 27.04 -14.93
C THR A 535 16.38 26.44 -14.79
N ILE A 536 15.48 26.78 -15.72
CA ILE A 536 14.12 26.24 -15.68
C ILE A 536 14.16 24.71 -15.80
N GLU A 537 14.98 24.20 -16.72
CA GLU A 537 15.10 22.75 -16.89
C GLU A 537 15.65 22.08 -15.64
N LYS A 538 16.71 22.65 -15.06
CA LYS A 538 17.26 22.10 -13.82
C LYS A 538 16.20 22.05 -12.73
N THR A 539 15.66 23.20 -12.35
CA THR A 539 14.78 23.27 -11.19
C THR A 539 13.52 22.44 -11.41
N THR A 540 12.93 22.51 -12.61
CA THR A 540 11.76 21.71 -12.90
C THR A 540 12.09 20.22 -12.83
N SER A 541 13.19 19.80 -13.45
CA SER A 541 13.54 18.38 -13.49
C SER A 541 13.79 17.83 -12.08
N THR A 542 14.68 18.46 -11.32
CA THR A 542 14.97 17.98 -9.97
C THR A 542 13.72 18.03 -9.10
N THR A 544 10.50 17.80 -9.97
CA THR A 544 9.63 16.68 -10.31
C THR A 544 10.24 15.34 -9.92
N LEU A 545 11.57 15.23 -9.91
CA LEU A 545 12.19 14.01 -9.41
C LEU A 545 11.91 13.82 -7.92
N LEU A 546 11.98 14.91 -7.15
CA LEU A 546 11.67 14.81 -5.73
C LEU A 546 10.20 14.46 -5.51
N VAL A 547 9.30 15.17 -6.19
CA VAL A 547 7.87 14.93 -6.00
C VAL A 547 7.50 13.52 -6.45
N SER A 548 7.99 13.11 -7.62
CA SER A 548 7.73 11.76 -8.11
C SER A 548 8.38 10.71 -7.22
N ALA A 549 9.45 11.07 -6.51
CA ALA A 549 9.99 10.15 -5.50
C ALA A 549 9.03 10.03 -4.32
N ILE A 550 8.45 11.15 -3.89
CA ILE A 550 7.42 11.10 -2.87
C ILE A 550 6.19 10.31 -3.34
N ALA A 551 5.98 10.20 -4.66
CA ALA A 551 4.98 9.26 -5.14
C ALA A 551 5.50 7.83 -5.07
N VAL A 552 6.47 7.49 -5.92
CA VAL A 552 6.98 6.12 -6.09
C VAL A 552 7.38 5.54 -4.75
N ILE A 553 8.44 6.10 -4.16
CA ILE A 553 9.03 5.56 -2.94
C ILE A 553 7.95 5.31 -1.90
N SER A 554 7.07 6.28 -1.73
CA SER A 554 6.03 6.17 -0.71
C SER A 554 4.88 5.25 -1.13
N LEU A 555 4.54 5.21 -2.42
CA LEU A 555 3.35 4.48 -2.89
C LEU A 555 3.62 3.04 -3.31
N VAL A 556 4.31 2.87 -4.44
CA VAL A 556 4.58 1.53 -4.95
C VAL A 556 5.33 0.70 -3.93
N VAL A 557 6.29 1.32 -3.23
CA VAL A 557 6.95 0.63 -2.12
C VAL A 557 5.98 0.48 -0.95
N GLY A 558 5.08 1.45 -0.75
CA GLY A 558 3.98 1.26 0.18
C GLY A 558 2.95 0.27 -0.29
N GLY A 559 3.18 -0.37 -1.43
CA GLY A 559 2.34 -1.43 -1.97
C GLY A 559 2.86 -2.81 -1.63
N ILE A 560 3.61 -2.91 -0.52
CA ILE A 560 4.06 -4.20 0.00
C ILE A 560 2.90 -5.15 0.20
N GLY A 561 1.70 -4.62 0.40
CA GLY A 561 0.53 -5.42 0.73
C GLY A 561 0.32 -6.63 -0.17
N VAL A 562 0.83 -6.56 -1.40
CA VAL A 562 0.89 -7.76 -2.24
C VAL A 562 1.62 -8.89 -1.52
N ASN A 564 2.05 -9.27 1.66
CA ASN A 564 1.28 -9.72 2.82
C ASN A 564 0.14 -10.65 2.39
N ILE A 565 -0.62 -10.24 1.38
CA ILE A 565 -1.75 -11.03 0.90
C ILE A 565 -1.27 -12.36 0.33
N LEU A 567 1.33 -13.85 1.36
CA LEU A 567 1.88 -14.59 2.49
C LEU A 567 0.77 -15.32 3.25
N VAL A 568 -0.30 -14.60 3.57
CA VAL A 568 -1.47 -15.25 4.16
C VAL A 568 -2.14 -16.17 3.15
N SER A 569 -1.94 -15.92 1.85
CA SER A 569 -2.44 -16.83 0.84
C SER A 569 -1.65 -18.14 0.84
N VAL A 570 -0.37 -18.09 1.20
CA VAL A 570 0.38 -19.31 1.43
C VAL A 570 -0.17 -20.02 2.66
N THR A 571 -0.42 -19.27 3.74
CA THR A 571 -1.01 -19.87 4.94
C THR A 571 -2.31 -20.61 4.63
N GLU A 572 -3.26 -19.93 3.97
CA GLU A 572 -4.56 -20.54 3.70
C GLU A 572 -4.44 -21.76 2.79
N ARG A 573 -3.43 -21.79 1.93
CA ARG A 573 -3.27 -22.85 0.94
C ARG A 573 -2.34 -23.97 1.39
N THR A 574 -1.87 -23.96 2.64
CA THR A 574 -0.90 -24.97 3.09
C THR A 574 -1.39 -26.40 2.82
N GLN A 575 -2.69 -26.66 3.00
CA GLN A 575 -3.21 -27.97 2.65
C GLN A 575 -3.22 -28.17 1.14
N GLU A 576 -3.68 -27.19 0.38
CA GLU A 576 -3.59 -27.28 -1.08
C GLU A 576 -2.17 -27.55 -1.53
N ILE A 577 -1.20 -26.90 -0.89
CA ILE A 577 0.20 -27.10 -1.25
C ILE A 577 0.64 -28.52 -0.90
N GLY A 578 0.27 -29.00 0.28
CA GLY A 578 0.60 -30.36 0.67
C GLY A 578 0.01 -31.40 -0.27
N VAL A 579 -1.26 -31.25 -0.65
CA VAL A 579 -1.89 -32.17 -1.58
C VAL A 579 -1.22 -32.14 -2.93
N ARG A 580 -0.92 -30.92 -3.43
CA ARG A 580 -0.20 -30.81 -4.68
C ARG A 580 1.12 -31.55 -4.63
N ALA A 582 1.90 -34.02 -2.68
CA ALA A 582 1.64 -35.45 -2.55
C ALA A 582 1.25 -36.07 -3.89
N VAL A 583 0.59 -35.30 -4.76
CA VAL A 583 0.27 -35.79 -6.10
C VAL A 583 1.46 -35.67 -7.02
N GLY A 584 2.60 -35.21 -6.51
CA GLY A 584 3.81 -35.08 -7.31
C GLY A 584 4.30 -33.67 -7.62
N ALA A 585 3.78 -32.64 -6.96
CA ALA A 585 4.29 -31.29 -7.22
C ALA A 585 5.77 -31.18 -6.85
N ARG A 586 6.52 -30.58 -7.75
CA ARG A 586 7.89 -30.19 -7.45
C ARG A 586 7.87 -28.86 -6.70
N GLN A 587 8.89 -28.64 -5.87
CA GLN A 587 9.00 -27.36 -5.18
C GLN A 587 9.01 -26.22 -6.19
N SER A 588 9.76 -26.39 -7.28
CA SER A 588 9.77 -25.41 -8.36
C SER A 588 8.36 -25.10 -8.86
N ASP A 589 7.49 -26.11 -8.91
CA ASP A 589 6.15 -25.90 -9.47
C ASP A 589 5.31 -25.01 -8.56
N ILE A 590 5.38 -25.22 -7.25
CA ILE A 590 4.69 -24.35 -6.30
C ILE A 590 5.26 -22.95 -6.39
N LEU A 591 6.59 -22.85 -6.42
CA LEU A 591 7.25 -21.55 -6.53
C LEU A 591 6.76 -20.77 -7.75
N GLN A 592 6.76 -21.42 -8.91
CA GLN A 592 6.25 -20.79 -10.12
C GLN A 592 4.79 -20.40 -9.98
N GLN A 593 3.99 -21.24 -9.31
CA GLN A 593 2.57 -20.92 -9.15
C GLN A 593 2.38 -19.61 -8.41
N PHE A 594 2.96 -19.50 -7.21
CA PHE A 594 2.66 -18.31 -6.41
C PHE A 594 3.42 -17.08 -6.90
N LEU A 595 4.64 -17.27 -7.38
CA LEU A 595 5.40 -16.14 -7.93
C LEU A 595 4.73 -15.59 -9.17
N ILE A 596 4.27 -16.46 -10.08
CA ILE A 596 3.50 -16.02 -11.24
C ILE A 596 2.19 -15.37 -10.83
N GLU A 597 1.56 -15.83 -9.74
CA GLU A 597 0.34 -15.16 -9.29
C GLU A 597 0.64 -13.72 -8.89
N ALA A 598 1.68 -13.52 -8.07
CA ALA A 598 2.04 -12.16 -7.67
C ALA A 598 2.41 -11.30 -8.87
N ILE A 599 3.22 -11.85 -9.79
CA ILE A 599 3.60 -11.13 -11.00
C ILE A 599 2.38 -10.66 -11.78
N LEU A 600 1.42 -11.56 -12.01
CA LEU A 600 0.24 -11.18 -12.77
C LEU A 600 -0.62 -10.17 -12.03
N VAL A 601 -0.69 -10.29 -10.70
CA VAL A 601 -1.42 -9.31 -9.91
C VAL A 601 -0.80 -7.93 -10.07
N CYS A 602 0.53 -7.85 -10.08
CA CYS A 602 1.18 -6.54 -10.20
C CYS A 602 1.11 -5.99 -11.62
N LEU A 603 1.42 -6.82 -12.63
CA LEU A 603 1.36 -6.38 -14.01
C LEU A 603 -0.06 -5.97 -14.40
N ILE A 604 -1.00 -6.89 -14.29
CA ILE A 604 -2.39 -6.53 -14.52
C ILE A 604 -2.79 -5.63 -13.37
N GLY A 605 -3.17 -4.40 -13.67
CA GLY A 605 -3.35 -3.38 -12.68
C GLY A 605 -2.17 -2.42 -12.63
N GLY A 606 -1.00 -2.85 -13.09
CA GLY A 606 0.00 -1.89 -13.53
C GLY A 606 -0.41 -1.30 -14.85
N VAL A 607 -0.96 -2.13 -15.73
CA VAL A 607 -1.57 -1.65 -16.97
C VAL A 607 -2.80 -0.80 -16.64
N LEU A 608 -3.59 -1.22 -15.65
CA LEU A 608 -4.75 -0.43 -15.23
C LEU A 608 -4.31 0.86 -14.53
N GLY A 609 -3.14 0.83 -13.88
CA GLY A 609 -2.57 2.07 -13.37
C GLY A 609 -2.14 3.01 -14.48
N VAL A 610 -1.59 2.46 -15.56
CA VAL A 610 -1.25 3.27 -16.72
C VAL A 610 -2.52 3.90 -17.30
N LEU A 611 -3.58 3.11 -17.47
CA LEU A 611 -4.81 3.65 -18.06
C LEU A 611 -5.45 4.68 -17.14
N LEU A 612 -5.49 4.41 -15.84
CA LEU A 612 -5.98 5.40 -14.88
C LEU A 612 -5.17 6.69 -14.96
N SER A 613 -3.85 6.56 -15.08
CA SER A 613 -3.01 7.76 -15.22
C SER A 613 -3.36 8.51 -16.49
N LEU A 614 -3.57 7.79 -17.61
CA LEU A 614 -3.99 8.43 -18.85
C LEU A 614 -5.27 9.23 -18.67
N GLY A 615 -6.34 8.56 -18.26
CA GLY A 615 -7.60 9.26 -18.07
C GLY A 615 -7.50 10.43 -17.12
N LEU A 616 -6.71 10.27 -16.05
CA LEU A 616 -6.47 11.40 -15.14
C LEU A 616 -5.77 12.53 -15.86
N GLY A 617 -4.87 12.21 -16.79
CA GLY A 617 -4.17 13.26 -17.53
C GLY A 617 -5.08 14.00 -18.48
N GLN A 618 -5.93 13.29 -19.21
CA GLN A 618 -6.92 13.95 -20.04
C GLN A 618 -7.96 14.72 -19.21
N LEU A 619 -8.15 14.35 -17.94
CA LEU A 619 -8.91 15.20 -17.05
C LEU A 619 -8.15 16.47 -16.70
N ILE A 620 -6.85 16.35 -16.41
CA ILE A 620 -6.05 17.49 -16.00
C ILE A 620 -5.76 18.42 -17.17
N ASN A 621 -5.82 17.92 -18.41
CA ASN A 621 -5.69 18.83 -19.54
C ASN A 621 -6.85 19.83 -19.60
N LYS A 622 -8.03 19.46 -19.12
CA LYS A 622 -9.13 20.40 -19.05
C LYS A 622 -8.96 21.40 -17.91
N PHE A 623 -8.99 20.91 -16.67
CA PHE A 623 -9.08 21.73 -15.47
C PHE A 623 -7.81 22.51 -15.15
N ALA A 624 -6.73 22.35 -15.88
CA ALA A 624 -5.46 22.99 -15.55
C ALA A 624 -5.12 24.09 -16.54
N GLY A 625 -4.37 25.07 -16.05
CA GLY A 625 -3.97 26.23 -16.81
C GLY A 625 -2.93 25.97 -17.88
N GLY A 626 -2.19 27.01 -18.25
CA GLY A 626 -1.15 26.88 -19.26
C GLY A 626 0.22 26.54 -18.71
N ASN A 627 0.43 26.72 -17.41
CA ASN A 627 1.67 26.24 -16.81
C ASN A 627 1.62 24.73 -16.55
N PHE A 628 0.46 24.21 -16.14
CA PHE A 628 0.29 22.78 -15.94
C PHE A 628 -0.17 22.12 -17.23
N ALA A 629 0.66 21.21 -17.75
CA ALA A 629 0.27 20.29 -18.80
C ALA A 629 0.89 18.94 -18.49
N VAL A 630 0.34 17.89 -19.10
CA VAL A 630 0.77 16.52 -18.81
C VAL A 630 1.15 15.86 -20.13
N ALA A 631 2.40 15.41 -20.23
CA ALA A 631 2.94 14.80 -21.43
C ALA A 631 3.48 13.43 -21.04
N TYR A 632 2.91 12.37 -21.60
CA TYR A 632 3.25 11.01 -21.19
C TYR A 632 4.36 10.48 -22.09
N SER A 633 5.54 10.29 -21.49
CA SER A 633 6.66 9.73 -22.22
C SER A 633 6.42 8.26 -22.48
N THR A 634 6.52 7.85 -23.76
CA THR A 634 6.31 6.45 -24.11
C THR A 634 7.38 5.53 -23.54
N THR A 635 8.50 6.08 -23.08
CA THR A 635 9.49 5.29 -22.36
C THR A 635 9.29 5.35 -20.85
N SER A 636 8.34 6.14 -20.35
CA SER A 636 7.90 6.02 -18.97
C SER A 636 6.80 5.00 -18.79
N ILE A 637 6.11 4.62 -19.87
CA ILE A 637 5.09 3.58 -19.79
C ILE A 637 5.72 2.19 -19.81
N VAL A 638 6.71 1.99 -20.68
CA VAL A 638 7.50 0.77 -20.66
C VAL A 638 8.11 0.57 -19.28
N ALA A 639 8.74 1.63 -18.75
CA ALA A 639 9.26 1.57 -17.39
C ALA A 639 8.18 1.26 -16.37
N ALA A 640 6.94 1.68 -16.64
CA ALA A 640 5.85 1.39 -15.71
C ALA A 640 5.55 -0.11 -15.69
N PHE A 641 5.38 -0.71 -16.87
CA PHE A 641 5.14 -2.15 -16.94
C PHE A 641 6.29 -2.92 -16.29
N VAL A 642 7.53 -2.60 -16.67
CA VAL A 642 8.68 -3.31 -16.15
C VAL A 642 8.76 -3.20 -14.64
N CYS A 643 8.59 -1.98 -14.11
CA CYS A 643 8.70 -1.78 -12.67
C CYS A 643 7.59 -2.50 -11.91
N SER A 644 6.35 -2.48 -12.44
CA SER A 644 5.27 -3.22 -11.79
C SER A 644 5.59 -4.71 -11.73
N THR A 645 6.00 -5.30 -12.86
CA THR A 645 6.37 -6.71 -12.86
C THR A 645 7.50 -6.99 -11.89
N LEU A 646 8.47 -6.08 -11.78
CA LEU A 646 9.55 -6.26 -10.81
C LEU A 646 9.01 -6.22 -9.38
N ILE A 647 8.02 -5.37 -9.11
CA ILE A 647 7.38 -5.38 -7.80
C ILE A 647 6.79 -6.76 -7.53
N GLY A 648 6.20 -7.38 -8.56
CA GLY A 648 5.75 -8.76 -8.42
C GLY A 648 6.88 -9.71 -8.07
N VAL A 649 7.94 -9.70 -8.87
CA VAL A 649 9.06 -10.63 -8.70
C VAL A 649 9.78 -10.43 -7.36
N VAL A 650 9.67 -9.24 -6.78
CA VAL A 650 10.36 -8.96 -5.52
C VAL A 650 9.45 -9.31 -4.35
N PHE A 651 8.32 -8.62 -4.23
CA PHE A 651 7.48 -8.81 -3.05
C PHE A 651 6.86 -10.21 -3.02
N GLY A 652 6.38 -10.68 -4.17
CA GLY A 652 5.79 -12.00 -4.25
C GLY A 652 6.74 -13.14 -3.99
N PHE A 653 8.04 -12.90 -4.11
CA PHE A 653 9.03 -13.98 -4.01
C PHE A 653 9.00 -14.66 -2.65
N LEU A 654 9.24 -13.91 -1.58
CA LEU A 654 9.30 -14.50 -0.24
C LEU A 654 8.12 -15.42 0.08
N PRO A 655 6.86 -15.06 -0.17
CA PRO A 655 5.79 -16.05 0.01
C PRO A 655 5.90 -17.22 -0.94
N ALA A 656 6.23 -16.96 -2.22
CA ALA A 656 6.36 -18.04 -3.18
C ALA A 656 7.43 -19.04 -2.80
N LYS A 657 8.46 -18.59 -2.06
CA LYS A 657 9.46 -19.52 -1.55
C LYS A 657 8.97 -20.21 -0.28
N ASN A 658 8.33 -19.47 0.61
CA ASN A 658 7.79 -20.10 1.82
C ASN A 658 6.84 -21.24 1.47
N ALA A 659 6.10 -21.12 0.38
CA ALA A 659 5.18 -22.19 -0.02
C ALA A 659 5.93 -23.41 -0.52
N ALA A 660 6.94 -23.21 -1.38
CA ALA A 660 7.65 -24.33 -1.97
C ALA A 660 8.51 -25.08 -0.96
N LYS A 661 8.81 -24.48 0.19
CA LYS A 661 9.62 -25.11 1.22
C LYS A 661 8.79 -25.83 2.29
N LEU A 662 7.48 -25.91 2.12
CA LEU A 662 6.64 -26.57 3.12
C LEU A 662 6.89 -28.07 3.16
N ASP A 663 6.82 -28.62 4.36
CA ASP A 663 6.87 -30.08 4.55
C ASP A 663 5.51 -30.68 4.20
N PRO A 664 5.41 -31.54 3.17
CA PRO A 664 4.09 -32.03 2.77
C PRO A 664 3.38 -32.78 3.87
N VAL A 665 4.11 -33.46 4.74
CA VAL A 665 3.51 -34.12 5.89
C VAL A 665 2.83 -33.08 6.78
N ALA A 666 3.61 -32.12 7.29
CA ALA A 666 3.05 -31.11 8.17
C ALA A 666 2.01 -30.24 7.46
N ALA A 667 2.17 -30.01 6.16
CA ALA A 667 1.19 -29.20 5.43
C ALA A 667 -0.14 -29.93 5.33
N LEU A 668 -0.11 -31.23 5.05
CA LEU A 668 -1.35 -31.99 4.92
C LEU A 668 -2.12 -32.08 6.23
N SER A 669 -1.41 -32.24 7.35
CA SER A 669 -2.04 -32.43 8.65
C SER A 669 -2.20 -31.13 9.43
N ARG A 670 -1.94 -29.98 8.83
CA ARG A 670 -2.16 -28.71 9.51
C ARG A 670 -3.60 -28.24 9.37
N GLU A 671 -4.30 -28.19 10.50
CA GLU A 671 -5.59 -27.49 10.64
C GLU A 671 -6.10 -27.63 12.07
N LYS B 10 -47.76 -30.47 32.20
CA LYS B 10 -46.57 -29.63 32.28
C LYS B 10 -45.90 -29.57 30.90
N GLN B 11 -44.93 -28.66 30.73
CA GLN B 11 -44.26 -28.48 29.45
C GLN B 11 -42.84 -29.01 29.51
N ALA B 12 -42.45 -29.76 28.47
CA ALA B 12 -41.11 -30.30 28.40
C ALA B 12 -40.11 -29.21 28.06
N LEU B 13 -38.85 -29.45 28.41
CA LEU B 13 -37.76 -28.57 28.03
C LEU B 13 -37.78 -28.27 26.54
N LEU B 14 -37.56 -29.30 25.71
CA LEU B 14 -37.45 -29.12 24.27
C LEU B 14 -38.74 -29.60 23.62
N GLU B 15 -39.51 -28.67 23.06
CA GLU B 15 -40.82 -28.96 22.49
C GLU B 15 -40.82 -28.63 21.00
N VAL B 16 -40.86 -29.66 20.17
CA VAL B 16 -40.86 -29.53 18.71
C VAL B 16 -42.23 -29.91 18.17
N SER B 17 -42.85 -28.99 17.42
CA SER B 17 -44.17 -29.19 16.84
C SER B 17 -44.15 -28.76 15.38
N ASN B 18 -44.32 -29.72 14.46
CA ASN B 18 -44.53 -29.43 13.04
C ASN B 18 -43.38 -28.65 12.40
N LEU B 19 -42.13 -29.03 12.69
CA LEU B 19 -41.02 -28.27 12.09
C LEU B 19 -40.92 -28.59 10.61
N VAL B 20 -41.07 -27.56 9.78
CA VAL B 20 -40.83 -27.68 8.35
C VAL B 20 -39.70 -26.72 8.00
N ARG B 21 -38.60 -27.26 7.49
CA ARG B 21 -37.45 -26.47 7.08
C ARG B 21 -37.27 -26.62 5.59
N GLU B 22 -37.54 -25.56 4.84
CA GLU B 22 -37.37 -25.55 3.39
C GLU B 22 -36.14 -24.72 3.04
N PHE B 23 -35.20 -25.36 2.36
CA PHE B 23 -34.07 -24.65 1.80
C PHE B 23 -34.28 -24.54 0.29
N PRO B 24 -34.24 -23.34 -0.27
CA PRO B 24 -34.47 -23.20 -1.71
C PRO B 24 -33.29 -23.72 -2.52
N ALA B 25 -33.61 -24.43 -3.60
CA ALA B 25 -32.60 -24.90 -4.55
C ALA B 25 -33.15 -24.75 -5.97
N GLY B 26 -32.42 -24.02 -6.81
CA GLY B 26 -32.78 -23.89 -8.21
C GLY B 26 -34.15 -23.27 -8.45
N GLU B 27 -34.35 -22.04 -7.97
CA GLU B 27 -35.62 -21.31 -8.08
C GLU B 27 -36.81 -22.17 -7.66
N SER B 28 -36.57 -23.04 -6.68
CA SER B 28 -37.59 -23.87 -6.06
C SER B 28 -37.13 -24.21 -4.65
N THR B 29 -38.06 -24.67 -3.83
CA THR B 29 -37.76 -25.00 -2.44
C THR B 29 -37.78 -26.52 -2.24
N ILE B 30 -36.95 -26.98 -1.32
CA ILE B 30 -36.91 -28.39 -0.93
C ILE B 30 -37.12 -28.49 0.58
N GLN B 31 -37.87 -29.50 1.00
CA GLN B 31 -38.11 -29.72 2.43
C GLN B 31 -37.05 -30.70 2.95
N ILE B 32 -36.11 -30.17 3.74
CA ILE B 32 -35.18 -31.04 4.46
C ILE B 32 -35.83 -31.58 5.73
N LEU B 33 -36.71 -30.82 6.36
CA LEU B 33 -37.53 -31.30 7.47
C LEU B 33 -38.98 -31.19 7.06
N LYS B 34 -39.67 -32.34 7.06
CA LYS B 34 -41.01 -32.53 6.52
C LYS B 34 -42.15 -32.36 7.53
N GLY B 35 -41.95 -31.62 8.63
CA GLY B 35 -42.97 -31.60 9.66
C GLY B 35 -42.79 -32.61 10.77
N ILE B 36 -41.71 -32.41 11.52
CA ILE B 36 -41.28 -33.29 12.59
C ILE B 36 -41.90 -32.80 13.90
N ASP B 37 -42.48 -33.74 14.66
CA ASP B 37 -42.92 -33.50 16.03
C ASP B 37 -42.00 -34.30 16.95
N LEU B 38 -41.47 -33.63 17.97
CA LEU B 38 -40.58 -34.30 18.91
C LEU B 38 -40.72 -33.65 20.28
N THR B 39 -40.52 -34.43 21.33
CA THR B 39 -40.53 -33.89 22.68
C THR B 39 -39.40 -34.50 23.49
N ILE B 40 -38.52 -33.66 24.04
CA ILE B 40 -37.38 -34.12 24.81
C ILE B 40 -37.43 -33.42 26.16
N TYR B 41 -37.63 -34.20 27.23
CA TYR B 41 -37.59 -33.69 28.59
C TYR B 41 -36.16 -33.59 29.12
N GLU B 42 -36.00 -32.76 30.15
CA GLU B 42 -34.75 -32.62 30.89
C GLU B 42 -34.19 -33.97 31.32
N GLY B 43 -32.88 -34.13 31.15
CA GLY B 43 -32.17 -35.28 31.65
C GLY B 43 -32.08 -36.45 30.69
N GLU B 44 -32.75 -36.38 29.54
CA GLU B 44 -32.87 -37.52 28.65
C GLU B 44 -31.65 -37.63 27.74
N LEU B 45 -31.24 -38.86 27.45
CA LEU B 45 -30.10 -39.13 26.58
C LEU B 45 -30.62 -39.55 25.21
N VAL B 46 -30.49 -38.67 24.23
CA VAL B 46 -31.12 -38.82 22.92
C VAL B 46 -30.03 -38.92 21.86
N ALA B 47 -30.18 -39.89 20.96
CA ALA B 47 -29.34 -39.99 19.78
C ALA B 47 -30.23 -39.87 18.55
N ILE B 48 -30.10 -38.78 17.82
CA ILE B 48 -30.74 -38.63 16.53
C ILE B 48 -29.82 -39.23 15.48
N VAL B 49 -30.27 -40.26 14.79
CA VAL B 49 -29.43 -41.02 13.88
C VAL B 49 -30.09 -41.06 12.50
N GLY B 50 -29.29 -40.87 11.48
CA GLY B 50 -29.78 -40.85 10.11
C GLY B 50 -28.59 -40.77 9.17
N GLN B 51 -28.87 -40.91 7.88
CA GLN B 51 -27.81 -40.89 6.90
C GLN B 51 -27.67 -39.47 6.34
N SER B 52 -26.68 -39.29 5.47
CA SER B 52 -26.42 -37.97 4.91
C SER B 52 -27.59 -37.53 4.04
N GLY B 53 -28.14 -36.36 4.33
CA GLY B 53 -29.31 -35.86 3.63
C GLY B 53 -30.62 -36.10 4.34
N SER B 54 -30.60 -36.84 5.45
CA SER B 54 -31.84 -37.17 6.15
C SER B 54 -32.47 -35.94 6.78
N GLY B 55 -31.68 -34.93 7.12
CA GLY B 55 -32.16 -33.80 7.88
C GLY B 55 -31.76 -33.78 9.33
N LYS B 56 -30.90 -34.71 9.75
CA LYS B 56 -30.57 -34.82 11.17
C LYS B 56 -29.81 -33.59 11.66
N SER B 57 -28.84 -33.11 10.88
CA SER B 57 -27.99 -32.01 11.35
C SER B 57 -28.70 -30.67 11.24
N THR B 58 -29.59 -30.50 10.26
CA THR B 58 -30.46 -29.32 10.25
C THR B 58 -31.34 -29.30 11.48
N LEU B 59 -31.96 -30.45 11.79
CA LEU B 59 -32.77 -30.56 13.01
C LEU B 59 -31.96 -30.19 14.25
N ASN B 61 -29.31 -28.19 14.31
CA ASN B 61 -29.10 -26.74 14.21
C ASN B 61 -30.29 -25.99 14.79
N ILE B 62 -31.51 -26.41 14.44
CA ILE B 62 -32.69 -25.75 14.97
C ILE B 62 -32.79 -25.98 16.48
N LEU B 63 -32.49 -27.20 16.94
CA LEU B 63 -32.51 -27.49 18.37
C LEU B 63 -31.54 -26.60 19.14
N GLY B 64 -30.41 -26.27 18.55
CA GLY B 64 -29.40 -25.43 19.16
C GLY B 64 -29.62 -23.94 18.99
N CYS B 65 -30.78 -23.54 18.48
CA CYS B 65 -31.10 -22.13 18.23
C CYS B 65 -30.08 -21.47 17.30
N LEU B 66 -29.50 -22.25 16.40
CA LEU B 66 -28.68 -21.73 15.31
C LEU B 66 -29.50 -21.50 14.04
N ASP B 67 -30.78 -21.88 14.05
CA ASP B 67 -31.62 -21.78 12.87
C ASP B 67 -33.06 -21.76 13.35
N ARG B 68 -33.96 -21.35 12.44
CA ARG B 68 -35.38 -21.20 12.71
C ARG B 68 -36.18 -22.24 11.92
N PRO B 69 -37.41 -22.57 12.36
CA PRO B 69 -38.11 -23.79 11.94
C PRO B 69 -38.22 -24.13 10.43
N THR B 70 -38.56 -23.29 9.47
CA THR B 70 -39.07 -21.93 9.60
C THR B 70 -40.59 -21.91 9.70
N SER B 71 -41.22 -23.04 9.39
CA SER B 71 -42.66 -23.21 9.58
C SER B 71 -42.84 -24.31 10.60
N GLY B 72 -43.40 -23.94 11.74
CA GLY B 72 -43.60 -24.82 12.86
C GLY B 72 -43.26 -24.08 14.14
N SER B 73 -43.12 -24.84 15.22
CA SER B 73 -42.82 -24.28 16.53
C SER B 73 -41.70 -25.09 17.16
N TYR B 74 -40.70 -24.42 17.71
CA TYR B 74 -39.73 -25.03 18.60
C TYR B 74 -39.63 -24.16 19.85
N LYS B 75 -40.02 -24.73 20.98
CA LYS B 75 -40.05 -24.02 22.26
C LYS B 75 -38.98 -24.61 23.17
N VAL B 76 -38.03 -23.77 23.57
CA VAL B 76 -37.03 -24.14 24.56
C VAL B 76 -37.54 -23.62 25.90
N ASN B 77 -37.91 -24.56 26.78
CA ASN B 77 -38.50 -24.23 28.08
C ASN B 77 -39.64 -23.22 27.93
N GLY B 78 -40.48 -23.43 26.93
CA GLY B 78 -41.64 -22.57 26.74
C GLY B 78 -41.39 -21.30 25.96
N GLN B 79 -40.30 -21.20 25.22
CA GLN B 79 -39.94 -20.00 24.47
C GLN B 79 -39.86 -20.33 23.00
N GLU B 80 -40.74 -19.74 22.20
CA GLU B 80 -40.79 -19.98 20.77
C GLU B 80 -39.64 -19.24 20.07
N THR B 81 -38.83 -19.98 19.32
CA THR B 81 -37.70 -19.42 18.60
C THR B 81 -38.04 -19.05 17.16
N GLY B 82 -39.26 -19.32 16.71
CA GLY B 82 -39.61 -19.10 15.32
C GLY B 82 -39.41 -17.67 14.86
N LYS B 83 -39.76 -16.71 15.72
CA LYS B 83 -39.62 -15.29 15.39
C LYS B 83 -38.38 -14.64 15.99
N LEU B 84 -37.58 -15.36 16.77
CA LEU B 84 -36.48 -14.72 17.49
C LEU B 84 -35.37 -14.27 16.55
N GLU B 85 -34.73 -13.15 16.92
CA GLU B 85 -33.64 -12.47 16.25
C GLU B 85 -32.29 -12.95 16.78
N PRO B 86 -31.21 -12.75 16.00
CA PRO B 86 -29.93 -13.40 16.33
C PRO B 86 -29.45 -13.23 17.77
N ASP B 87 -29.58 -12.04 18.37
CA ASP B 87 -29.11 -11.88 19.74
C ASP B 87 -29.99 -12.61 20.75
N GLN B 88 -31.28 -12.77 20.44
CA GLN B 88 -32.17 -13.55 21.30
C GLN B 88 -31.81 -15.02 21.27
N LEU B 89 -31.65 -15.59 20.07
CA LEU B 89 -31.16 -16.95 19.93
C LEU B 89 -29.82 -17.12 20.61
N ALA B 90 -28.95 -16.11 20.50
CA ALA B 90 -27.68 -16.15 21.21
C ALA B 90 -27.89 -16.24 22.72
N GLN B 91 -28.87 -15.49 23.24
CA GLN B 91 -29.22 -15.61 24.66
C GLN B 91 -29.59 -17.05 25.00
N LEU B 92 -30.51 -17.64 24.23
CA LEU B 92 -30.91 -19.01 24.50
C LEU B 92 -29.71 -19.96 24.46
N ARG B 93 -28.79 -19.72 23.52
CA ARG B 93 -27.57 -20.53 23.46
C ARG B 93 -26.76 -20.40 24.74
N ARG B 94 -26.53 -19.17 25.20
CA ARG B 94 -25.71 -18.98 26.39
C ARG B 94 -26.34 -19.62 27.61
N GLU B 95 -27.65 -19.49 27.77
CA GLU B 95 -28.26 -20.00 28.99
C GLU B 95 -28.44 -21.51 28.95
N TYR B 96 -29.08 -22.04 27.89
CA TYR B 96 -29.44 -23.45 27.90
C TYR B 96 -28.40 -24.38 27.27
N PHE B 97 -27.79 -24.00 26.15
CA PHE B 97 -27.12 -24.96 25.29
C PHE B 97 -25.60 -24.84 25.36
N GLY B 98 -24.93 -25.95 25.09
CA GLY B 98 -23.53 -25.94 24.75
C GLY B 98 -23.25 -27.01 23.73
N PHE B 99 -22.21 -26.78 22.92
CA PHE B 99 -22.04 -27.55 21.69
C PHE B 99 -20.73 -28.32 21.69
N ILE B 100 -20.75 -29.41 20.92
CA ILE B 100 -19.61 -30.28 20.65
C ILE B 100 -19.69 -30.68 19.19
N PHE B 101 -18.59 -30.55 18.45
CA PHE B 101 -18.61 -30.81 17.01
C PHE B 101 -17.68 -31.95 16.66
N GLN B 102 -17.97 -32.59 15.52
CA GLN B 102 -17.21 -33.76 15.09
C GLN B 102 -15.72 -33.48 15.06
N ARG B 103 -15.33 -32.39 14.43
CA ARG B 103 -13.93 -32.02 14.30
C ARG B 103 -13.47 -31.16 15.47
N TYR B 104 -14.35 -30.99 16.48
CA TYR B 104 -14.05 -30.33 17.75
C TYR B 104 -13.32 -29.01 17.54
N HIS B 105 -14.10 -28.03 17.08
CA HIS B 105 -13.53 -26.74 16.73
C HIS B 105 -13.03 -26.05 17.98
N LEU B 106 -11.74 -25.75 18.02
CA LEU B 106 -11.12 -24.98 19.08
C LEU B 106 -10.43 -23.78 18.46
N LEU B 107 -10.12 -22.80 19.28
CA LEU B 107 -9.48 -21.58 18.80
C LEU B 107 -7.97 -21.77 18.90
N GLY B 108 -7.31 -21.87 17.75
CA GLY B 108 -5.88 -22.11 17.73
C GLY B 108 -5.09 -21.02 18.45
N ASP B 109 -5.63 -19.81 18.52
CA ASP B 109 -4.95 -18.74 19.22
C ASP B 109 -4.93 -18.98 20.72
N LEU B 110 -6.11 -19.24 21.30
CA LEU B 110 -6.23 -19.37 22.75
C LEU B 110 -5.64 -20.71 23.21
N SER B 111 -5.64 -20.91 24.52
CA SER B 111 -5.23 -22.17 25.13
C SER B 111 -6.46 -22.98 25.49
N ALA B 112 -6.25 -24.10 26.18
CA ALA B 112 -7.37 -24.88 26.70
C ALA B 112 -8.21 -24.03 27.64
N GLU B 113 -7.58 -23.43 28.65
CA GLU B 113 -8.30 -22.61 29.61
C GLU B 113 -9.05 -21.47 28.91
N GLY B 114 -8.44 -20.89 27.86
CA GLY B 114 -9.11 -19.79 27.16
C GLY B 114 -10.32 -20.25 26.38
N ASN B 115 -10.15 -21.30 25.56
CA ASN B 115 -11.29 -21.88 24.86
C ASN B 115 -12.43 -22.19 25.83
N VAL B 116 -12.11 -22.77 26.98
CA VAL B 116 -13.13 -23.05 27.97
C VAL B 116 -13.77 -21.75 28.46
N GLU B 117 -12.96 -20.67 28.56
CA GLU B 117 -13.49 -19.41 29.10
C GLU B 117 -14.46 -18.72 28.14
N VAL B 118 -14.27 -18.87 26.83
CA VAL B 118 -14.98 -18.07 25.82
C VAL B 118 -16.48 -17.95 26.10
N PRO B 119 -17.21 -19.03 26.37
CA PRO B 119 -18.66 -18.86 26.65
C PRO B 119 -18.93 -18.01 27.87
N ALA B 120 -18.17 -18.20 28.95
CA ALA B 120 -18.28 -17.29 30.08
C ALA B 120 -17.99 -15.85 29.67
N VAL B 121 -16.99 -15.66 28.79
CA VAL B 121 -16.65 -14.31 28.35
C VAL B 121 -17.84 -13.63 27.71
N TYR B 122 -18.49 -14.30 26.74
CA TYR B 122 -19.63 -13.64 26.11
C TYR B 122 -20.84 -13.51 27.01
N ALA B 123 -20.91 -14.27 28.11
CA ALA B 123 -21.92 -13.96 29.11
C ALA B 123 -21.30 -13.02 30.14
N GLY B 124 -22.12 -12.54 31.07
CA GLY B 124 -21.53 -11.76 32.14
C GLY B 124 -20.79 -12.64 33.11
N VAL B 125 -19.46 -12.51 33.21
CA VAL B 125 -18.69 -13.33 34.13
C VAL B 125 -17.54 -12.50 34.69
N THR B 126 -17.17 -12.79 35.93
CA THR B 126 -15.96 -12.21 36.48
C THR B 126 -14.75 -12.91 35.87
N PRO B 127 -13.79 -12.18 35.30
CA PRO B 127 -12.60 -12.84 34.73
C PRO B 127 -11.87 -13.74 35.71
N ALA B 128 -11.89 -13.44 37.01
CA ALA B 128 -11.34 -14.37 37.99
C ALA B 128 -12.18 -15.63 38.10
N ASP B 129 -13.50 -15.47 38.20
CA ASP B 129 -14.39 -16.61 38.39
C ASP B 129 -14.30 -17.58 37.21
N ARG B 130 -14.26 -17.06 35.98
CA ARG B 130 -14.20 -17.96 34.84
C ARG B 130 -12.85 -18.66 34.73
N LYS B 131 -11.79 -18.05 35.26
CA LYS B 131 -10.55 -18.80 35.40
C LYS B 131 -10.72 -19.95 36.39
N GLN B 132 -11.44 -19.69 37.49
CA GLN B 132 -11.69 -20.73 38.48
C GLN B 132 -12.45 -21.90 37.85
N ARG B 133 -13.61 -21.63 37.26
CA ARG B 133 -14.41 -22.70 36.66
C ARG B 133 -13.69 -23.35 35.49
N ALA B 134 -12.95 -22.58 34.69
CA ALA B 134 -12.24 -23.15 33.56
C ALA B 134 -11.22 -24.19 34.02
N THR B 135 -10.31 -23.79 34.92
CA THR B 135 -9.32 -24.75 35.41
C THR B 135 -9.98 -25.90 36.16
N ALA B 136 -11.09 -25.63 36.84
CA ALA B 136 -11.80 -26.69 37.56
C ALA B 136 -12.33 -27.75 36.59
N LEU B 137 -13.11 -27.32 35.59
CA LEU B 137 -13.68 -28.25 34.63
C LEU B 137 -12.58 -29.00 33.87
N LEU B 138 -11.54 -28.29 33.43
CA LEU B 138 -10.45 -28.96 32.74
C LEU B 138 -9.75 -29.98 33.64
N THR B 139 -9.69 -29.71 34.95
CA THR B 139 -9.12 -30.69 35.86
C THR B 139 -10.03 -31.91 36.02
N GLU B 140 -11.35 -31.68 36.12
CA GLU B 140 -12.29 -32.80 36.22
C GLU B 140 -12.15 -33.76 35.05
N LEU B 141 -11.92 -33.24 33.86
CA LEU B 141 -11.81 -34.03 32.64
C LEU B 141 -10.40 -34.53 32.38
N GLY B 142 -9.47 -34.32 33.31
CA GLY B 142 -8.16 -34.92 33.24
C GLY B 142 -7.10 -34.10 32.54
N LEU B 143 -7.41 -32.86 32.18
CA LEU B 143 -6.50 -31.98 31.48
C LEU B 143 -5.76 -31.03 32.41
N GLY B 144 -5.88 -31.25 33.74
CA GLY B 144 -5.28 -30.33 34.70
C GLY B 144 -3.82 -30.01 34.42
N THR B 145 -3.05 -30.99 33.96
CA THR B 145 -1.66 -30.72 33.62
C THR B 145 -1.53 -30.03 32.27
N LYS B 146 -2.47 -30.27 31.37
CA LYS B 146 -2.47 -29.69 30.04
C LYS B 146 -3.20 -28.36 29.96
N THR B 147 -3.57 -27.78 31.11
CA THR B 147 -4.35 -26.55 31.20
C THR B 147 -3.88 -25.45 30.25
N GLN B 148 -2.56 -25.26 30.17
CA GLN B 148 -2.00 -24.16 29.40
C GLN B 148 -1.69 -24.54 27.95
N ASN B 149 -1.97 -25.79 27.55
CA ASN B 149 -1.68 -26.17 26.17
C ASN B 149 -2.66 -25.50 25.22
N ARG B 150 -2.18 -25.20 24.05
CA ARG B 150 -2.84 -24.65 22.89
C ARG B 150 -3.36 -25.80 22.03
N PRO B 151 -4.46 -25.62 21.28
CA PRO B 151 -5.03 -26.76 20.53
C PRO B 151 -4.02 -27.53 19.66
N SER B 152 -3.08 -26.85 19.01
CA SER B 152 -2.07 -27.57 18.25
C SER B 152 -1.24 -28.50 19.11
N GLN B 153 -1.25 -28.30 20.43
CA GLN B 153 -0.46 -29.08 21.37
C GLN B 153 -1.24 -30.22 22.00
N LEU B 154 -2.49 -30.45 21.59
CA LEU B 154 -3.33 -31.48 22.19
C LEU B 154 -3.75 -32.50 21.14
N SER B 155 -4.00 -33.73 21.60
CA SER B 155 -4.51 -34.77 20.72
C SER B 155 -6.00 -34.56 20.45
N GLY B 156 -6.53 -35.37 19.54
CA GLY B 156 -7.94 -35.34 19.22
C GLY B 156 -8.82 -35.53 20.43
N GLY B 157 -8.62 -36.65 21.15
CA GLY B 157 -9.37 -36.86 22.38
C GLY B 157 -9.22 -35.73 23.36
N GLN B 158 -8.00 -35.23 23.53
CA GLN B 158 -7.77 -34.14 24.48
C GLN B 158 -8.52 -32.88 24.07
N GLN B 159 -8.48 -32.54 22.77
CA GLN B 159 -9.22 -31.37 22.31
C GLN B 159 -10.72 -31.56 22.50
N GLN B 160 -11.23 -32.76 22.22
CA GLN B 160 -12.65 -33.00 22.41
C GLN B 160 -13.05 -32.86 23.88
N ARG B 161 -12.20 -33.33 24.79
CA ARG B 161 -12.48 -33.10 26.21
C ARG B 161 -12.44 -31.62 26.55
N VAL B 162 -11.53 -30.87 25.91
CA VAL B 162 -11.52 -29.42 26.08
C VAL B 162 -12.87 -28.83 25.70
N SER B 163 -13.39 -29.20 24.51
CA SER B 163 -14.65 -28.65 24.06
C SER B 163 -15.83 -29.12 24.91
N ILE B 164 -15.70 -30.30 25.53
CA ILE B 164 -16.67 -30.70 26.55
C ILE B 164 -16.67 -29.71 27.70
N ALA B 165 -15.49 -29.46 28.28
CA ALA B 165 -15.39 -28.48 29.36
C ALA B 165 -15.95 -27.12 28.94
N ARG B 166 -15.71 -26.73 27.68
CA ARG B 166 -16.26 -25.48 27.16
C ARG B 166 -17.77 -25.51 27.13
N ALA B 167 -18.36 -26.62 26.66
CA ALA B 167 -19.81 -26.74 26.67
C ALA B 167 -20.38 -26.68 28.08
N LEU B 168 -19.63 -27.17 29.07
CA LEU B 168 -20.09 -27.14 30.46
C LEU B 168 -19.89 -25.80 31.14
N ASN B 170 -21.05 -22.65 30.62
CA ASN B 170 -22.32 -21.98 30.89
C ASN B 170 -23.36 -22.95 31.43
N GLY B 171 -22.95 -24.18 31.76
CA GLY B 171 -23.77 -25.11 32.50
C GLY B 171 -24.21 -26.32 31.73
N GLY B 172 -24.10 -26.29 30.40
CA GLY B 172 -24.42 -27.47 29.60
C GLY B 172 -25.75 -28.10 29.92
N ASP B 173 -26.80 -27.28 30.07
CA ASP B 173 -28.14 -27.81 30.27
C ASP B 173 -28.49 -28.79 29.17
N VAL B 174 -28.37 -28.37 27.91
CA VAL B 174 -28.50 -29.25 26.77
C VAL B 174 -27.17 -29.21 26.02
N ILE B 175 -26.47 -30.34 26.00
CA ILE B 175 -25.25 -30.49 25.23
C ILE B 175 -25.62 -31.16 23.91
N LEU B 176 -25.30 -30.48 22.80
CA LEU B 176 -25.56 -31.00 21.47
C LEU B 176 -24.24 -31.43 20.85
N ALA B 177 -24.09 -32.73 20.60
CA ALA B 177 -22.87 -33.26 20.00
C ALA B 177 -23.17 -33.73 18.58
N ASP B 178 -22.54 -33.09 17.60
CA ASP B 178 -22.54 -33.56 16.22
C ASP B 178 -21.41 -34.55 16.01
N GLU B 179 -21.76 -35.80 15.72
CA GLU B 179 -20.83 -36.92 15.50
C GLU B 179 -19.56 -36.74 16.32
N PRO B 180 -19.64 -36.75 17.65
CA PRO B 180 -18.47 -36.36 18.44
C PRO B 180 -17.33 -37.36 18.36
N THR B 181 -17.59 -38.62 18.05
CA THR B 181 -16.55 -39.63 17.91
C THR B 181 -16.12 -39.86 16.47
N GLY B 182 -16.68 -39.11 15.52
CA GLY B 182 -16.34 -39.33 14.13
C GLY B 182 -14.90 -39.02 13.78
N ALA B 183 -14.30 -38.05 14.48
CA ALA B 183 -12.92 -37.69 14.18
C ALA B 183 -11.91 -38.61 14.84
N LEU B 184 -12.23 -39.18 15.99
CA LEU B 184 -11.22 -39.79 16.86
C LEU B 184 -11.40 -41.31 16.98
N ASP B 185 -10.42 -41.92 17.63
CA ASP B 185 -10.21 -43.36 17.60
C ASP B 185 -11.10 -44.08 18.61
N SER B 186 -10.82 -45.37 18.82
CA SER B 186 -11.68 -46.20 19.66
C SER B 186 -11.54 -45.83 21.14
N HIS B 187 -10.32 -45.70 21.63
CA HIS B 187 -10.11 -45.42 23.05
C HIS B 187 -10.68 -44.07 23.44
N SER B 188 -10.24 -43.01 22.74
CA SER B 188 -10.76 -41.68 23.04
C SER B 188 -12.25 -41.59 22.73
N GLY B 189 -12.75 -42.41 21.83
CA GLY B 189 -14.20 -42.49 21.63
C GLY B 189 -14.92 -43.02 22.86
N VAL B 190 -14.41 -44.12 23.41
CA VAL B 190 -14.97 -44.67 24.64
C VAL B 190 -14.91 -43.63 25.75
N GLU B 191 -13.83 -42.83 25.78
CA GLU B 191 -13.73 -41.84 26.84
C GLU B 191 -14.70 -40.69 26.66
N VAL B 192 -14.84 -40.19 25.42
CA VAL B 192 -15.78 -39.10 25.17
C VAL B 192 -17.21 -39.55 25.46
N ARG B 194 -18.15 -42.06 27.41
CA ARG B 194 -18.27 -42.27 28.84
C ARG B 194 -18.49 -40.95 29.57
N ILE B 195 -17.74 -39.90 29.17
CA ILE B 195 -17.88 -38.60 29.81
C ILE B 195 -19.29 -38.05 29.59
N LEU B 196 -19.82 -38.19 28.37
CA LEU B 196 -21.18 -37.73 28.12
C LEU B 196 -22.19 -38.51 28.97
N ARG B 197 -22.12 -39.84 28.94
CA ARG B 197 -23.05 -40.63 29.73
C ARG B 197 -22.99 -40.27 31.21
N GLU B 198 -21.79 -40.00 31.74
CA GLU B 198 -21.69 -39.57 33.13
C GLU B 198 -22.33 -38.20 33.33
N LEU B 199 -22.19 -37.31 32.36
CA LEU B 199 -22.83 -36.00 32.47
C LEU B 199 -24.35 -36.14 32.48
N ASN B 200 -24.88 -37.10 31.71
CA ASN B 200 -26.32 -37.34 31.74
C ASN B 200 -26.73 -37.98 33.05
N ALA B 201 -25.90 -38.89 33.58
CA ALA B 201 -26.11 -39.41 34.93
C ALA B 201 -26.21 -38.28 35.93
N ALA B 202 -25.48 -37.18 35.69
CA ALA B 202 -25.58 -36.00 36.55
C ALA B 202 -26.78 -35.14 36.21
N GLY B 203 -27.51 -35.47 35.14
CA GLY B 203 -28.72 -34.74 34.78
C GLY B 203 -28.62 -33.86 33.56
N HIS B 204 -27.49 -33.86 32.85
CA HIS B 204 -27.36 -33.08 31.63
C HIS B 204 -28.21 -33.68 30.52
N THR B 205 -29.09 -32.88 29.93
CA THR B 205 -29.75 -33.30 28.70
C THR B 205 -28.71 -33.35 27.59
N ILE B 206 -28.54 -34.52 26.97
CA ILE B 206 -27.54 -34.70 25.93
C ILE B 206 -28.23 -35.23 24.68
N ILE B 207 -28.05 -34.50 23.58
CA ILE B 207 -28.56 -34.90 22.27
C ILE B 207 -27.36 -35.04 21.36
N LEU B 208 -27.09 -36.26 20.90
CA LEU B 208 -25.99 -36.51 19.99
C LEU B 208 -26.58 -36.99 18.67
N VAL B 209 -26.22 -36.30 17.58
CA VAL B 209 -26.63 -36.66 16.23
C VAL B 209 -25.51 -37.44 15.58
N THR B 210 -25.86 -38.50 14.85
CA THR B 210 -24.84 -39.39 14.31
C THR B 210 -25.38 -40.11 13.09
N HIS B 211 -24.46 -40.53 12.23
CA HIS B 211 -24.78 -41.40 11.11
C HIS B 211 -24.44 -42.85 11.39
N ASP B 212 -23.91 -43.15 12.57
CA ASP B 212 -23.43 -44.48 12.94
C ASP B 212 -24.35 -45.06 13.99
N GLN B 214 -23.93 -47.89 15.73
CA GLN B 214 -23.13 -48.27 16.88
C GLN B 214 -22.86 -47.10 17.81
N VAL B 215 -22.72 -45.90 17.24
CA VAL B 215 -22.57 -44.71 18.08
C VAL B 215 -23.88 -44.40 18.79
N ALA B 216 -25.00 -44.42 18.05
CA ALA B 216 -26.30 -44.14 18.66
C ALA B 216 -26.65 -45.14 19.76
N LYS B 217 -26.00 -46.32 19.76
CA LYS B 217 -26.21 -47.29 20.83
C LYS B 217 -25.96 -46.70 22.21
N ASN B 218 -25.03 -45.75 22.32
CA ASN B 218 -24.67 -45.18 23.61
C ASN B 218 -25.83 -44.44 24.27
N ALA B 219 -26.84 -44.01 23.50
CA ALA B 219 -27.96 -43.29 24.08
C ALA B 219 -28.99 -44.24 24.69
N THR B 220 -29.76 -43.71 25.63
CA THR B 220 -30.89 -44.42 26.20
C THR B 220 -32.11 -44.36 25.28
N ARG B 221 -32.20 -43.35 24.43
CA ARG B 221 -33.30 -43.17 23.49
C ARG B 221 -32.72 -42.92 22.12
N ILE B 222 -33.14 -43.73 21.14
CA ILE B 222 -32.61 -43.65 19.79
C ILE B 222 -33.73 -43.22 18.86
N ILE B 223 -33.65 -41.99 18.38
CA ILE B 223 -34.56 -41.46 17.37
C ILE B 223 -33.88 -41.64 16.02
N GLU B 224 -34.64 -42.13 15.04
CA GLU B 224 -34.10 -42.41 13.72
C GLU B 224 -34.85 -41.58 12.70
N ILE B 225 -34.12 -40.92 11.81
CA ILE B 225 -34.67 -39.94 10.89
C ILE B 225 -34.19 -40.24 9.49
N SER B 226 -35.10 -40.19 8.52
CA SER B 226 -34.75 -40.39 7.12
C SER B 226 -35.66 -39.54 6.26
N ASP B 227 -35.07 -38.94 5.22
CA ASP B 227 -35.78 -38.08 4.27
C ASP B 227 -36.69 -37.09 4.98
N GLY B 228 -36.15 -36.45 6.03
CA GLY B 228 -36.84 -35.36 6.70
C GLY B 228 -37.98 -35.77 7.61
N GLU B 229 -38.08 -37.04 7.97
CA GLU B 229 -39.09 -37.52 8.90
C GLU B 229 -38.45 -38.49 9.86
N ILE B 230 -39.01 -38.59 11.07
CA ILE B 230 -38.49 -39.51 12.06
C ILE B 230 -39.23 -40.83 11.89
N ILE B 231 -38.50 -41.85 11.44
CA ILE B 231 -39.10 -43.17 11.22
C ILE B 231 -39.18 -43.95 12.53
N SER B 232 -38.18 -43.81 13.39
CA SER B 232 -38.14 -44.57 14.63
C SER B 232 -37.70 -43.70 15.81
N ASP B 233 -38.32 -43.93 16.95
CA ASP B 233 -37.79 -43.50 18.24
C ASP B 233 -38.24 -44.54 19.27
N ARG B 234 -37.34 -44.88 20.20
CA ARG B 234 -37.43 -46.14 20.91
C ARG B 234 -36.37 -46.22 22.01
N PRO B 235 -36.72 -46.79 23.17
CA PRO B 235 -35.73 -46.90 24.26
C PRO B 235 -34.56 -47.80 23.89
N ASN B 236 -33.46 -47.61 24.61
CA ASN B 236 -32.27 -48.43 24.44
C ASN B 236 -31.51 -48.51 25.76
N VAL B 237 -30.95 -49.69 26.04
CA VAL B 237 -30.01 -49.84 27.14
C VAL B 237 -28.66 -50.29 26.58
N PRO B 238 -27.63 -49.46 26.66
CA PRO B 238 -26.31 -49.88 26.18
C PRO B 238 -25.76 -51.03 27.01
N ASP B 239 -25.03 -51.93 26.35
CA ASP B 239 -24.47 -53.08 27.06
C ASP B 239 -23.27 -52.71 27.94
N GLN B 240 -22.53 -51.66 27.60
CA GLN B 240 -21.38 -51.31 28.42
C GLN B 240 -21.76 -50.70 29.75
N SER B 241 -23.04 -50.45 30.02
CA SER B 241 -23.44 -50.06 31.37
C SER B 241 -23.10 -51.14 32.38
N LEU B 242 -22.90 -52.38 31.93
CA LEU B 242 -22.32 -53.43 32.76
C LEU B 242 -20.81 -53.24 32.89
N GLU B 243 -20.14 -52.97 31.77
CA GLU B 243 -18.71 -52.64 31.77
C GLU B 243 -18.41 -51.53 32.77
N GLU B 244 -18.96 -50.35 32.55
CA GLU B 244 -18.75 -49.21 33.43
C GLU B 244 -19.85 -49.23 34.48
N VAL B 245 -19.46 -49.50 35.73
CA VAL B 245 -20.42 -49.52 36.84
C VAL B 245 -20.67 -48.12 37.36
N LYS B 246 -20.07 -47.10 36.74
CA LYS B 246 -20.12 -45.73 37.20
C LYS B 246 -19.57 -45.66 38.62
N SER B 247 -18.24 -45.74 38.73
CA SER B 247 -17.52 -45.66 40.00
C SER B 247 -17.07 -44.24 40.32
N ASP B 248 -16.17 -43.67 39.50
CA ASP B 248 -15.61 -42.36 39.79
C ASP B 248 -16.60 -41.27 39.38
N PRO B 249 -17.21 -40.57 40.34
CA PRO B 249 -18.33 -39.67 40.01
C PRO B 249 -17.87 -38.45 39.23
N ASP B 250 -18.51 -38.20 38.09
CA ASP B 250 -18.36 -36.94 37.37
C ASP B 250 -19.74 -36.29 37.36
N ALA B 251 -19.94 -35.26 38.18
CA ALA B 251 -21.20 -34.51 38.22
C ALA B 251 -20.87 -33.02 38.19
N ALA B 252 -21.21 -32.36 37.08
CA ALA B 252 -20.93 -30.92 36.95
C ALA B 252 -22.06 -30.20 36.22
N PRO B 253 -23.27 -30.20 36.80
CA PRO B 253 -24.36 -29.43 36.21
C PRO B 253 -24.26 -27.97 36.65
N ALA B 254 -25.21 -27.16 36.17
CA ALA B 254 -25.30 -25.74 36.51
C ALA B 254 -26.57 -25.13 35.95
N ALA B 267 -28.42 1.95 27.31
CA ALA B 267 -27.12 1.50 26.83
C ALA B 267 -25.99 2.22 27.57
N TRP B 268 -25.68 1.75 28.77
CA TRP B 268 -24.65 2.39 29.59
C TRP B 268 -23.61 1.39 30.10
N ARG B 269 -24.05 0.38 30.86
CA ARG B 269 -23.19 -0.34 31.80
C ARG B 269 -22.22 -1.31 31.13
N SER B 270 -22.74 -2.43 30.61
CA SER B 270 -21.90 -3.61 30.36
C SER B 270 -21.07 -3.54 29.08
N THR B 271 -21.49 -2.72 28.10
CA THR B 271 -20.73 -2.60 26.85
C THR B 271 -19.30 -2.14 27.12
N LEU B 272 -19.08 -1.42 28.22
CA LEU B 272 -17.72 -1.17 28.70
C LEU B 272 -16.98 -2.48 28.93
N ASP B 273 -17.59 -3.39 29.68
CA ASP B 273 -16.90 -4.63 30.06
C ASP B 273 -16.61 -5.48 28.84
N ARG B 274 -17.64 -5.76 28.04
CA ARG B 274 -17.43 -6.61 26.87
C ARG B 274 -16.54 -5.94 25.83
N LEU B 275 -16.55 -4.60 25.76
CA LEU B 275 -15.64 -3.92 24.86
C LEU B 275 -14.19 -4.08 25.32
N SER B 276 -13.96 -4.03 26.63
CA SER B 276 -12.64 -4.35 27.17
C SER B 276 -12.23 -5.77 26.78
N GLU B 277 -13.14 -6.73 26.97
CA GLU B 277 -12.89 -8.09 26.54
C GLU B 277 -12.48 -8.12 25.07
N ALA B 278 -13.22 -7.40 24.22
CA ALA B 278 -12.88 -7.30 22.81
C ALA B 278 -11.47 -6.76 22.62
N PHE B 279 -11.05 -5.81 23.47
CA PHE B 279 -9.68 -5.30 23.38
C PHE B 279 -8.66 -6.40 23.63
N GLN B 280 -8.87 -7.23 24.65
CA GLN B 280 -7.92 -8.33 24.85
C GLN B 280 -8.03 -9.40 23.77
N ALA B 282 -8.70 -8.93 20.55
CA ALA B 282 -7.94 -8.40 19.43
C ALA B 282 -6.45 -8.34 19.74
N LEU B 283 -6.09 -7.95 20.97
CA LEU B 283 -4.69 -7.83 21.34
C LEU B 283 -3.98 -9.17 21.29
N LEU B 284 -4.56 -10.19 21.94
CA LEU B 284 -3.94 -11.51 21.92
C LEU B 284 -3.97 -12.13 20.53
N SER B 285 -4.98 -11.82 19.73
CA SER B 285 -4.99 -12.31 18.36
C SER B 285 -3.89 -11.66 17.52
N ASN B 287 -1.03 -10.68 18.88
CA ASN B 287 0.18 -11.32 19.40
C ASN B 287 0.37 -12.71 18.80
N ALA B 288 -0.73 -13.41 18.52
CA ALA B 288 -0.64 -14.72 17.87
C ALA B 288 0.01 -14.59 16.50
N HIS B 289 -0.57 -13.78 15.62
CA HIS B 289 -0.03 -13.58 14.28
C HIS B 289 0.70 -12.24 14.25
N ARG B 290 2.02 -12.28 14.24
CA ARG B 290 2.83 -11.08 14.37
C ARG B 290 3.20 -10.51 13.00
N ARG B 292 2.12 -10.64 9.98
CA ARG B 292 1.09 -9.95 9.22
C ARG B 292 0.68 -8.64 9.87
N THR B 293 0.64 -8.59 11.21
CA THR B 293 0.41 -7.34 11.91
C THR B 293 1.49 -6.32 11.56
N PHE B 294 2.75 -6.75 11.56
CA PHE B 294 3.86 -5.84 11.29
C PHE B 294 3.86 -5.35 9.85
N LEU B 295 3.43 -6.18 8.89
CA LEU B 295 3.36 -5.70 7.51
C LEU B 295 2.19 -4.74 7.29
N THR B 296 0.98 -5.13 7.72
CA THR B 296 -0.17 -4.24 7.53
C THR B 296 0.06 -2.93 8.26
N LEU B 298 2.96 -1.84 8.98
CA LEU B 298 4.13 -1.23 8.37
C LEU B 298 3.74 -0.28 7.24
N GLY B 299 2.75 -0.69 6.43
CA GLY B 299 2.22 0.24 5.44
C GLY B 299 1.78 1.55 6.05
N ILE B 300 1.11 1.49 7.21
CA ILE B 300 0.62 2.70 7.85
C ILE B 300 1.76 3.50 8.47
N ILE B 301 2.79 2.82 8.97
CA ILE B 301 3.99 3.51 9.45
C ILE B 301 4.61 4.32 8.32
N ILE B 302 4.83 3.66 7.17
CA ILE B 302 5.34 4.35 5.99
C ILE B 302 4.46 5.54 5.65
N GLY B 303 3.14 5.36 5.70
CA GLY B 303 2.23 6.42 5.32
C GLY B 303 2.28 7.65 6.20
N ILE B 304 2.06 7.45 7.50
CA ILE B 304 2.09 8.58 8.43
C ILE B 304 3.46 9.22 8.43
N ALA B 305 4.52 8.41 8.32
CA ALA B 305 5.88 8.97 8.26
C ALA B 305 6.04 9.88 7.06
N SER B 306 5.55 9.46 5.89
CA SER B 306 5.65 10.30 4.71
C SER B 306 4.82 11.57 4.84
N VAL B 307 3.61 11.44 5.39
CA VAL B 307 2.73 12.61 5.58
C VAL B 307 3.42 13.65 6.44
N VAL B 308 3.79 13.27 7.67
CA VAL B 308 4.35 14.23 8.62
C VAL B 308 5.70 14.74 8.14
N THR B 309 6.48 13.88 7.50
CA THR B 309 7.76 14.31 6.96
C THR B 309 7.59 15.38 5.88
N VAL B 310 6.67 15.17 4.94
CA VAL B 310 6.49 16.15 3.87
C VAL B 310 5.89 17.44 4.41
N VAL B 311 4.84 17.34 5.21
CA VAL B 311 4.20 18.55 5.75
C VAL B 311 5.19 19.36 6.59
N ALA B 312 5.93 18.66 7.46
CA ALA B 312 6.87 19.36 8.34
C ALA B 312 8.07 19.89 7.57
N LEU B 313 8.52 19.17 6.54
CA LEU B 313 9.57 19.68 5.67
C LEU B 313 9.11 20.97 4.98
N GLY B 314 7.89 21.00 4.46
CA GLY B 314 7.39 22.21 3.83
C GLY B 314 7.25 23.36 4.81
N ASN B 315 6.71 23.09 6.00
CA ASN B 315 6.59 24.12 7.02
C ASN B 315 7.96 24.67 7.41
N GLY B 316 8.92 23.78 7.66
CA GLY B 316 10.25 24.22 8.04
C GLY B 316 11.00 24.93 6.95
N SER B 317 10.72 24.58 5.69
CA SER B 317 11.38 25.24 4.57
C SER B 317 10.78 26.62 4.30
N GLN B 318 9.47 26.76 4.44
CA GLN B 318 8.88 28.09 4.42
C GLN B 318 9.41 28.95 5.56
N GLN B 319 9.40 28.41 6.77
CA GLN B 319 9.92 29.14 7.93
C GLN B 319 11.38 29.53 7.72
N GLN B 320 12.17 28.64 7.12
CA GLN B 320 13.59 28.92 6.93
C GLN B 320 13.81 29.99 5.86
N ILE B 321 13.23 29.77 4.68
CA ILE B 321 13.44 30.71 3.57
C ILE B 321 12.81 32.08 3.87
N LEU B 322 11.84 32.16 4.79
CA LEU B 322 11.37 33.47 5.21
C LEU B 322 12.35 34.14 6.17
N SER B 323 12.84 33.38 7.16
CA SER B 323 13.84 33.94 8.07
C SER B 323 15.20 34.11 7.39
N ASN B 324 15.45 33.34 6.32
CA ASN B 324 16.65 33.55 5.54
C ASN B 324 16.54 34.81 4.69
N ILE B 325 15.33 35.14 4.24
CA ILE B 325 15.07 36.38 3.50
C ILE B 325 14.59 37.50 4.44
N SER B 326 14.56 37.24 5.75
CA SER B 326 14.24 38.27 6.75
C SER B 326 15.35 39.33 6.88
N SER B 327 16.47 39.15 6.16
CA SER B 327 17.51 40.16 6.05
C SER B 327 17.03 41.48 5.44
N LEU B 328 15.81 41.53 4.91
CA LEU B 328 15.25 42.76 4.35
C LEU B 328 14.52 43.61 5.40
N GLY B 329 13.49 43.06 6.02
CA GLY B 329 12.68 43.77 6.99
C GLY B 329 11.28 44.05 6.47
N THR B 330 10.48 44.69 7.33
CA THR B 330 9.08 45.00 7.04
C THR B 330 8.91 46.41 6.47
N ASN B 331 8.08 46.50 5.43
CA ASN B 331 7.84 47.74 4.69
C ASN B 331 9.14 48.42 4.25
N THR B 332 10.07 47.62 3.75
CA THR B 332 11.39 48.11 3.37
C THR B 332 11.55 47.96 1.86
N ILE B 333 11.67 49.08 1.17
CA ILE B 333 12.04 49.08 -0.24
C ILE B 333 13.55 49.23 -0.32
N THR B 334 14.19 48.35 -1.08
CA THR B 334 15.63 48.41 -1.24
C THR B 334 15.96 48.90 -2.65
N VAL B 335 17.06 49.63 -2.77
CA VAL B 335 17.48 50.27 -4.01
C VAL B 335 18.87 49.79 -4.34
N PHE B 336 19.03 49.18 -5.51
CA PHE B 336 20.30 48.64 -5.98
C PHE B 336 20.80 49.42 -7.20
N GLN B 337 21.99 49.02 -7.63
CA GLN B 337 22.65 49.43 -8.85
C GLN B 337 22.81 48.21 -9.76
N GLY B 338 23.05 48.48 -11.03
CA GLY B 338 23.56 47.44 -11.91
C GLY B 338 25.00 47.15 -11.59
N ARG B 339 25.74 46.58 -12.54
CA ARG B 339 27.16 46.37 -12.30
C ARG B 339 27.92 47.69 -12.36
N GLY B 340 27.94 48.33 -13.53
CA GLY B 340 28.75 49.52 -13.71
C GLY B 340 30.24 49.24 -13.77
N PHE B 341 30.66 48.00 -13.54
CA PHE B 341 32.05 47.58 -13.67
C PHE B 341 32.27 47.06 -15.09
N GLY B 342 33.36 46.35 -15.32
CA GLY B 342 33.95 46.16 -16.63
C GLY B 342 35.25 46.90 -16.77
N ASP B 343 35.62 47.68 -15.76
CA ASP B 343 36.85 48.45 -15.63
C ASP B 343 36.78 49.12 -14.27
N ASN B 344 37.94 49.53 -13.76
CA ASN B 344 37.98 50.28 -12.52
C ASN B 344 37.78 51.78 -12.72
N SER B 345 37.92 52.26 -13.95
CA SER B 345 37.53 53.63 -14.25
C SER B 345 36.02 53.77 -14.28
N LYS B 346 35.31 52.72 -14.70
CA LYS B 346 33.86 52.73 -14.66
C LYS B 346 33.32 52.62 -13.24
N THR B 347 34.15 52.22 -12.29
CA THR B 347 33.75 52.25 -10.88
C THR B 347 33.47 53.67 -10.43
N ALA B 348 34.49 54.54 -10.48
CA ALA B 348 34.31 55.92 -10.06
C ALA B 348 33.39 56.68 -11.00
N ASN B 349 33.30 56.25 -12.26
CA ASN B 349 32.39 56.85 -13.23
C ASN B 349 30.94 56.45 -13.00
N PHE B 350 30.62 55.20 -13.27
CA PHE B 350 29.25 54.76 -13.47
C PHE B 350 28.55 54.26 -12.21
N LYS B 351 29.19 54.30 -11.05
CA LYS B 351 28.47 53.99 -9.81
C LYS B 351 27.92 55.31 -9.32
N THR B 352 26.63 55.52 -9.54
CA THR B 352 26.02 56.81 -9.30
C THR B 352 25.21 56.88 -8.02
N LEU B 353 25.04 55.76 -7.32
CA LEU B 353 24.27 55.75 -6.08
C LEU B 353 25.16 56.21 -4.94
N VAL B 354 24.79 57.33 -4.30
CA VAL B 354 25.64 57.99 -3.33
C VAL B 354 24.80 58.28 -2.07
N PRO B 355 25.46 58.46 -0.92
CA PRO B 355 24.70 58.74 0.30
C PRO B 355 23.82 59.96 0.20
N ALA B 356 24.20 60.93 -0.64
CA ALA B 356 23.34 62.08 -0.90
C ALA B 356 21.96 61.64 -1.37
N ASP B 357 21.88 60.53 -2.12
CA ASP B 357 20.59 59.98 -2.51
C ASP B 357 19.78 59.59 -1.28
N ALA B 358 20.43 58.95 -0.30
CA ALA B 358 19.72 58.56 0.92
C ALA B 358 19.25 59.80 1.69
N ASP B 359 20.11 60.82 1.77
CA ASP B 359 19.73 62.06 2.44
C ASP B 359 18.51 62.69 1.75
N ALA B 360 18.50 62.67 0.42
CA ALA B 360 17.34 63.18 -0.32
C ALA B 360 16.09 62.36 -0.01
N LEU B 361 16.22 61.03 -0.02
CA LEU B 361 15.08 60.17 0.30
C LEU B 361 14.56 60.43 1.70
N THR B 363 14.04 63.15 3.32
CA THR B 363 13.14 64.28 3.42
C THR B 363 11.79 64.02 2.75
N GLN B 364 11.57 62.82 2.22
CA GLN B 364 10.34 62.50 1.54
C GLN B 364 9.24 62.17 2.55
N PRO B 365 7.98 62.52 2.23
CA PRO B 365 6.90 62.31 3.20
C PRO B 365 6.62 60.85 3.52
N TYR B 366 6.84 59.95 2.56
CA TYR B 366 6.53 58.53 2.74
C TYR B 366 7.66 57.76 3.44
N VAL B 367 8.82 58.37 3.65
CA VAL B 367 9.95 57.69 4.25
C VAL B 367 9.95 57.94 5.75
N SER B 368 9.79 56.87 6.54
CA SER B 368 9.97 56.98 7.98
C SER B 368 11.45 56.90 8.36
N ALA B 369 12.17 55.99 7.73
CA ALA B 369 13.60 55.81 8.00
C ALA B 369 14.29 55.42 6.70
N VAL B 370 15.57 55.78 6.61
CA VAL B 370 16.39 55.44 5.45
C VAL B 370 17.81 55.23 5.91
N SER B 371 18.49 54.27 5.27
CA SER B 371 19.90 54.06 5.49
C SER B 371 20.56 53.69 4.18
N PRO B 372 21.78 54.17 3.94
CA PRO B 372 22.61 53.55 2.91
C PRO B 372 23.20 52.27 3.48
N VAL B 374 26.75 49.54 2.69
CA VAL B 374 27.94 49.03 2.01
C VAL B 374 28.55 48.02 2.97
N SER B 375 29.32 47.08 2.43
CA SER B 375 29.84 45.97 3.21
C SER B 375 31.24 45.60 2.77
N THR B 376 32.04 45.08 3.71
CA THR B 376 33.32 44.48 3.37
C THR B 376 33.69 43.43 4.41
N SER B 377 34.44 42.42 3.98
CA SER B 377 34.83 41.31 4.85
C SER B 377 36.25 41.54 5.35
N LYS B 378 36.42 41.57 6.68
CA LYS B 378 37.72 41.82 7.27
C LYS B 378 37.95 40.88 8.46
N THR B 379 39.19 40.86 8.93
CA THR B 379 39.59 39.98 10.02
C THR B 379 39.38 40.71 11.34
N ARG B 381 39.75 41.00 15.23
CA ARG B 381 40.64 40.51 16.28
C ARG B 381 40.28 41.15 17.60
N TYR B 382 40.08 40.33 18.63
CA TYR B 382 39.91 40.78 19.99
C TYR B 382 40.81 39.92 20.87
N GLN B 383 41.81 40.56 21.49
CA GLN B 383 42.84 39.88 22.29
C GLN B 383 43.53 38.87 21.36
N GLN B 384 43.65 37.60 21.75
CA GLN B 384 44.29 36.60 20.90
C GLN B 384 43.34 35.99 19.89
N ASN B 385 42.03 36.12 20.10
CA ASN B 385 41.04 35.52 19.21
C ASN B 385 40.87 36.36 17.95
N GLU B 386 40.91 35.71 16.80
CA GLU B 386 40.58 36.37 15.54
C GLU B 386 39.48 35.59 14.82
N ALA B 387 38.85 36.27 13.87
CA ALA B 387 37.77 35.69 13.08
C ALA B 387 37.58 36.58 11.86
N ASN B 388 36.64 36.18 11.00
CA ASN B 388 36.32 36.94 9.80
C ASN B 388 34.88 37.42 9.90
N ALA B 389 34.69 38.72 9.72
CA ALA B 389 33.40 39.35 9.92
C ALA B 389 33.03 40.22 8.72
N THR B 390 31.72 40.29 8.48
CA THR B 390 31.13 41.22 7.55
C THR B 390 30.89 42.54 8.26
N ILE B 391 31.44 43.61 7.70
CA ILE B 391 31.39 44.94 8.30
C ILE B 391 30.48 45.79 7.42
N ASN B 392 29.39 46.27 8.02
CA ASN B 392 28.30 46.91 7.30
C ASN B 392 28.30 48.39 7.64
N GLY B 393 28.71 49.22 6.69
CA GLY B 393 28.51 50.66 6.82
C GLY B 393 27.04 50.98 6.72
N VAL B 394 26.48 51.62 7.76
CA VAL B 394 25.05 51.89 7.81
C VAL B 394 24.82 53.25 8.46
N SER B 395 23.63 53.79 8.19
CA SER B 395 23.13 54.94 8.93
C SER B 395 22.72 54.52 10.34
N ASN B 396 22.69 55.50 11.24
CA ASN B 396 22.19 55.21 12.59
C ASN B 396 20.71 54.84 12.58
N ASP B 397 19.97 55.25 11.55
CA ASP B 397 18.56 54.87 11.40
C ASP B 397 18.41 53.42 10.96
N TYR B 398 19.49 52.75 10.57
CA TYR B 398 19.37 51.48 9.87
C TYR B 398 18.70 50.42 10.74
N PHE B 399 19.05 50.37 12.02
CA PHE B 399 18.45 49.38 12.89
C PHE B 399 16.95 49.60 13.02
N ASP B 400 16.49 50.85 12.85
CA ASP B 400 15.06 51.11 12.80
C ASP B 400 14.42 50.52 11.55
N VAL B 401 15.05 50.71 10.38
CA VAL B 401 14.39 50.30 9.14
C VAL B 401 14.43 48.79 8.98
N LYS B 402 15.59 48.18 9.17
CA LYS B 402 15.64 46.73 9.12
C LYS B 402 14.96 46.07 10.32
N GLY B 403 14.57 46.86 11.32
CA GLY B 403 13.83 46.34 12.45
C GLY B 403 14.63 45.57 13.48
N LEU B 404 15.94 45.81 13.56
CA LEU B 404 16.76 45.13 14.55
C LEU B 404 16.55 45.74 15.92
N VAL B 405 16.52 44.87 16.94
CA VAL B 405 16.34 45.28 18.33
C VAL B 405 17.66 45.02 19.06
N PHE B 406 18.05 45.96 19.92
CA PHE B 406 19.34 45.88 20.59
C PHE B 406 19.24 45.06 21.87
N LYS B 407 20.12 44.06 21.96
CA LYS B 407 20.18 43.23 23.16
C LYS B 407 20.60 44.06 24.37
N ASP B 408 21.61 44.90 24.21
CA ASP B 408 22.16 45.62 25.36
C ASP B 408 22.33 47.12 25.07
N GLY B 409 23.19 47.46 24.12
CA GLY B 409 23.70 48.82 23.98
C GLY B 409 22.86 49.77 23.16
N GLN B 410 23.54 50.72 22.53
CA GLN B 410 22.92 51.80 21.76
C GLN B 410 23.48 51.84 20.34
N THR B 411 22.75 52.49 19.45
CA THR B 411 23.21 52.75 18.09
C THR B 411 24.14 53.96 18.07
N PHE B 412 24.55 54.40 16.89
CA PHE B 412 25.37 55.60 16.79
C PHE B 412 24.46 56.82 16.84
N ASP B 413 25.05 58.00 16.68
CA ASP B 413 24.31 59.25 16.57
C ASP B 413 24.35 59.71 15.13
N GLN B 414 23.55 60.74 14.81
CA GLN B 414 23.80 61.46 13.57
C GLN B 414 25.12 62.21 13.65
N ARG B 415 25.47 62.65 14.87
CA ARG B 415 26.74 63.31 15.12
C ARG B 415 27.90 62.37 14.87
N SER B 416 27.79 61.12 15.34
CA SER B 416 28.85 60.14 15.15
C SER B 416 28.94 59.64 13.72
N VAL B 417 27.80 59.53 13.02
CA VAL B 417 27.84 59.23 11.59
C VAL B 417 28.54 60.35 10.84
N ARG B 418 28.19 61.60 11.16
CA ARG B 418 28.83 62.74 10.49
C ARG B 418 30.32 62.81 10.78
N ASP B 419 30.71 62.53 12.03
CA ASP B 419 32.10 62.69 12.45
C ASP B 419 32.96 61.49 12.08
N ARG B 420 32.39 60.50 11.40
CA ARG B 420 33.11 59.28 11.02
C ARG B 420 33.62 58.53 12.26
N SER B 421 32.71 58.34 13.21
CA SER B 421 33.01 57.61 14.43
C SER B 421 33.37 56.16 14.15
N GLN B 422 34.29 55.64 14.94
CA GLN B 422 34.62 54.21 14.94
C GLN B 422 33.87 53.42 16.01
N ASP B 423 32.87 54.02 16.64
CA ASP B 423 31.91 53.24 17.41
C ASP B 423 31.34 52.12 16.54
N VAL B 424 31.15 50.95 17.14
CA VAL B 424 30.74 49.76 16.40
C VAL B 424 29.66 49.01 17.16
N VAL B 425 28.76 48.39 16.39
CA VAL B 425 27.71 47.53 16.93
C VAL B 425 27.94 46.12 16.41
N ILE B 426 27.72 45.12 17.27
CA ILE B 426 27.91 43.72 16.96
C ILE B 426 26.60 42.98 17.14
N ASP B 427 26.47 41.85 16.46
CA ASP B 427 25.29 41.00 16.62
C ASP B 427 25.60 39.88 17.61
N THR B 428 24.57 39.05 17.86
CA THR B 428 24.70 38.00 18.86
C THR B 428 25.78 37.00 18.47
N ASN B 429 25.90 36.70 17.17
CA ASN B 429 26.89 35.72 16.72
C ASN B 429 28.31 36.18 17.06
N THR B 430 28.59 37.48 16.90
CA THR B 430 29.93 37.98 17.20
C THR B 430 30.22 37.93 18.69
N GLN B 431 29.22 38.28 19.51
CA GLN B 431 29.33 38.08 20.95
C GLN B 431 29.68 36.63 21.26
N LYS B 432 28.95 35.69 20.67
CA LYS B 432 29.21 34.28 20.88
C LYS B 432 30.64 33.91 20.49
N GLN B 433 31.13 34.42 19.37
CA GLN B 433 32.51 34.20 18.94
C GLN B 433 33.52 34.73 19.96
N PHE B 434 33.65 36.06 20.08
CA PHE B 434 34.75 36.56 20.88
C PHE B 434 34.41 36.56 22.37
N PHE B 435 33.23 37.03 22.76
CA PHE B 435 32.96 37.12 24.19
C PHE B 435 32.08 35.92 24.54
N SER B 436 32.73 34.81 24.86
CA SER B 436 32.08 33.63 25.41
C SER B 436 32.33 33.48 26.90
N ASP B 437 33.20 34.34 27.45
CA ASP B 437 33.52 34.37 28.87
C ASP B 437 32.42 34.98 29.72
N GLY B 438 31.38 35.53 29.09
CA GLY B 438 30.44 36.38 29.77
C GLY B 438 30.93 37.80 29.98
N THR B 439 32.11 38.13 29.47
CA THR B 439 32.63 39.48 29.60
C THR B 439 31.84 40.44 28.71
N ASN B 440 31.34 41.51 29.32
CA ASN B 440 30.46 42.43 28.63
C ASN B 440 31.20 43.11 27.49
N PRO B 441 30.76 42.93 26.23
CA PRO B 441 31.50 43.51 25.10
C PRO B 441 31.41 45.02 25.00
N ILE B 442 30.37 45.64 25.55
CA ILE B 442 30.22 47.09 25.44
C ILE B 442 31.40 47.78 26.10
N GLY B 443 31.96 48.78 25.40
CA GLY B 443 33.14 49.46 25.85
C GLY B 443 34.44 48.84 25.39
N GLN B 444 34.41 47.56 25.03
CA GLN B 444 35.62 46.86 24.62
C GLN B 444 36.03 47.28 23.21
N VAL B 445 37.33 47.39 22.99
CA VAL B 445 37.88 47.82 21.71
C VAL B 445 38.38 46.58 20.99
N VAL B 446 37.71 46.22 19.89
CA VAL B 446 38.21 45.20 18.99
C VAL B 446 38.89 45.93 17.85
N LEU B 447 39.49 45.21 16.91
CA LEU B 447 39.89 45.82 15.66
C LEU B 447 39.29 45.07 14.50
N LEU B 448 38.77 45.84 13.56
CA LEU B 448 38.23 45.35 12.30
C LEU B 448 39.25 45.68 11.22
N GLY B 449 39.92 44.65 10.72
CA GLY B 449 40.99 44.89 9.77
C GLY B 449 42.13 45.63 10.42
N SER B 450 42.51 46.78 9.88
CA SER B 450 43.48 47.67 10.49
C SER B 450 42.86 48.81 11.29
N VAL B 451 41.54 48.82 11.43
CA VAL B 451 40.82 49.93 12.03
C VAL B 451 40.27 49.47 13.40
N PRO B 452 40.69 50.08 14.50
CA PRO B 452 40.08 49.71 15.79
C PRO B 452 38.68 50.30 15.93
N ALA B 453 37.87 49.63 16.77
CA ALA B 453 36.48 50.03 16.97
C ALA B 453 36.05 49.70 18.39
N ARG B 454 35.21 50.56 18.96
CA ARG B 454 34.68 50.39 20.31
C ARG B 454 33.22 49.97 20.22
N ILE B 455 32.86 48.92 20.97
CA ILE B 455 31.52 48.34 20.89
C ILE B 455 30.57 49.16 21.74
N ILE B 456 29.57 49.77 21.10
CA ILE B 456 28.54 50.51 21.81
C ILE B 456 27.23 49.75 21.96
N GLY B 457 27.10 48.56 21.37
CA GLY B 457 25.81 47.90 21.36
C GLY B 457 25.87 46.51 20.77
N ILE B 458 24.87 45.71 21.11
CA ILE B 458 24.71 44.34 20.64
C ILE B 458 23.30 44.21 20.09
N VAL B 459 23.17 43.45 19.00
CA VAL B 459 21.90 43.32 18.28
C VAL B 459 21.52 41.85 18.20
N GLU B 460 20.23 41.57 18.43
CA GLU B 460 19.69 40.23 18.23
C GLU B 460 19.25 40.08 16.77
N PRO B 461 19.80 39.12 16.03
CA PRO B 461 19.58 39.11 14.57
C PRO B 461 18.20 38.63 14.13
N GLN B 462 18.05 38.44 12.82
CA GLN B 462 16.75 38.17 12.21
C GLN B 462 16.35 36.70 12.33
N THR B 463 17.29 35.79 12.11
CA THR B 463 16.97 34.42 11.78
C THR B 463 16.39 33.65 12.97
N SER B 464 15.53 32.69 12.65
CA SER B 464 15.05 31.74 13.66
C SER B 464 16.14 30.70 13.94
N GLY B 465 16.48 29.91 12.93
CA GLY B 465 17.44 28.83 13.06
C GLY B 465 18.80 29.23 12.52
N GLY B 467 20.03 29.09 9.12
CA GLY B 467 20.05 29.89 7.91
C GLY B 467 21.44 29.86 7.29
N SER B 468 21.85 30.99 6.71
CA SER B 468 23.20 31.16 6.22
C SER B 468 24.10 31.88 7.21
N ASP B 469 23.56 32.33 8.35
CA ASP B 469 24.33 33.11 9.31
C ASP B 469 24.22 32.51 10.71
N ASP B 470 25.27 31.93 11.31
CA ASP B 470 26.52 31.41 10.73
C ASP B 470 27.55 32.46 10.28
N THR B 471 27.23 33.75 10.40
CA THR B 471 28.12 34.79 9.93
C THR B 471 28.15 35.91 10.96
N LEU B 472 29.32 36.52 11.15
CA LEU B 472 29.51 37.55 12.16
C LEU B 472 29.19 38.90 11.52
N ASN B 473 28.12 39.53 11.98
CA ASN B 473 27.76 40.85 11.50
C ASN B 473 28.27 41.93 12.43
N VAL B 474 28.73 43.03 11.83
CA VAL B 474 29.32 44.16 12.54
C VAL B 474 28.90 45.42 11.80
N TYR B 475 28.53 46.46 12.54
CA TYR B 475 28.00 47.67 11.94
C TYR B 475 28.75 48.89 12.42
N PRO B 477 29.30 53.28 11.24
CA PRO B 477 28.72 54.32 10.37
C PRO B 477 29.29 54.24 8.96
N TYR B 478 28.40 54.29 7.97
CA TYR B 478 28.80 54.06 6.59
C TYR B 478 29.91 55.02 6.16
N THR B 479 29.86 56.26 6.63
CA THR B 479 30.93 57.20 6.35
C THR B 479 32.29 56.62 6.72
N THR B 480 32.38 56.02 7.91
CA THR B 480 33.65 55.50 8.38
C THR B 480 34.10 54.30 7.55
N VAL B 481 33.16 53.46 7.11
CA VAL B 481 33.52 52.28 6.34
C VAL B 481 33.99 52.69 4.95
N SER B 483 35.09 55.67 3.85
CA SER B 483 36.31 56.45 3.84
C SER B 483 37.50 55.67 4.38
N ARG B 484 37.34 55.04 5.54
CA ARG B 484 38.46 54.40 6.22
C ARG B 484 38.85 53.05 5.62
N LEU B 486 36.99 51.06 2.43
CA LEU B 486 36.78 50.78 1.01
C LEU B 486 37.46 51.80 0.12
N GLY B 487 37.38 53.08 0.48
CA GLY B 487 37.93 54.13 -0.37
C GLY B 487 37.07 54.34 -1.60
N GLN B 488 35.77 54.54 -1.40
CA GLN B 488 34.83 54.68 -2.49
C GLN B 488 33.80 55.76 -2.15
N ALA B 489 33.29 56.41 -3.19
CA ALA B 489 32.34 57.51 -3.03
C ALA B 489 30.88 57.08 -3.14
N HIS B 490 30.62 55.79 -3.37
CA HIS B 490 29.30 55.31 -3.76
C HIS B 490 28.81 54.25 -2.78
N VAL B 491 27.51 53.98 -2.82
CA VAL B 491 26.84 53.10 -1.88
C VAL B 491 26.39 51.84 -2.59
N ARG B 492 26.58 50.69 -1.93
CA ARG B 492 26.14 49.43 -2.52
C ARG B 492 24.64 49.41 -2.73
N ASN B 493 23.87 49.93 -1.77
CA ASN B 493 22.41 49.94 -1.93
C ASN B 493 21.81 50.75 -0.78
N ILE B 494 20.52 51.08 -0.91
CA ILE B 494 19.88 51.96 0.05
C ILE B 494 18.52 51.39 0.44
N VAL B 495 18.30 51.23 1.75
CA VAL B 495 17.09 50.65 2.29
C VAL B 495 16.24 51.74 2.90
N VAL B 496 14.92 51.65 2.70
CA VAL B 496 13.97 52.64 3.19
C VAL B 496 12.80 51.91 3.84
N ARG B 497 12.32 52.47 4.95
CA ARG B 497 11.12 51.97 5.63
C ARG B 497 9.98 52.92 5.28
N ILE B 498 8.95 52.37 4.64
CA ILE B 498 7.84 53.20 4.17
C ILE B 498 6.90 53.44 5.34
N ASN B 499 6.70 54.72 5.69
CA ASN B 499 5.91 55.05 6.86
C ASN B 499 4.43 54.76 6.62
N ASP B 500 3.72 54.51 7.73
CA ASP B 500 2.26 54.37 7.72
C ASP B 500 1.80 53.18 6.88
N LYS B 501 2.72 52.54 6.16
CA LYS B 501 2.39 51.83 4.93
C LYS B 501 1.44 52.71 4.13
N TYR B 502 1.95 53.84 3.66
CA TYR B 502 1.16 54.80 2.92
C TYR B 502 1.54 54.58 1.45
N SER B 503 0.62 53.94 0.71
CA SER B 503 0.88 53.49 -0.66
C SER B 503 2.26 52.82 -0.77
N THR B 504 2.34 51.62 -0.16
CA THR B 504 3.63 50.93 -0.06
C THR B 504 4.20 50.60 -1.44
N SER B 505 3.36 50.35 -2.43
CA SER B 505 3.84 50.13 -3.79
C SER B 505 4.21 51.45 -4.46
N ALA B 506 3.36 52.47 -4.33
CA ALA B 506 3.63 53.77 -4.94
C ALA B 506 4.86 54.44 -4.36
N ALA B 507 5.22 54.11 -3.10
CA ALA B 507 6.45 54.62 -2.54
C ALA B 507 7.65 54.18 -3.38
N GLU B 508 7.75 52.88 -3.62
CA GLU B 508 8.77 52.33 -4.52
C GLU B 508 8.81 53.09 -5.85
N ASN B 509 7.63 53.35 -6.43
CA ASN B 509 7.55 54.05 -7.71
C ASN B 509 8.07 55.48 -7.57
N ALA B 510 7.62 56.20 -6.54
CA ALA B 510 8.10 57.56 -6.34
C ALA B 510 9.59 57.58 -6.00
N ILE B 511 10.10 56.50 -5.40
CA ILE B 511 11.52 56.42 -5.10
C ILE B 511 12.33 56.30 -6.40
N VAL B 512 11.88 55.44 -7.32
CA VAL B 512 12.63 55.28 -8.56
C VAL B 512 12.51 56.53 -9.42
N ASN B 513 11.33 57.17 -9.43
CA ASN B 513 11.20 58.46 -10.11
C ASN B 513 12.18 59.47 -9.53
N LEU B 514 12.24 59.55 -8.20
CA LEU B 514 13.07 60.55 -7.55
C LEU B 514 14.55 60.34 -7.83
N LEU B 515 15.05 59.12 -7.61
CA LEU B 515 16.46 58.88 -7.87
C LEU B 515 16.76 58.92 -9.35
N THR B 516 15.80 58.55 -10.20
CA THR B 516 16.05 58.62 -11.64
C THR B 516 16.21 60.06 -12.10
N GLN B 517 15.45 60.99 -11.50
CA GLN B 517 15.73 62.40 -11.67
C GLN B 517 17.15 62.75 -11.23
N ARG B 518 17.49 62.40 -9.99
CA ARG B 518 18.78 62.79 -9.43
C ARG B 518 19.94 62.20 -10.23
N HIS B 519 19.81 60.94 -10.61
CA HIS B 519 20.78 60.32 -11.50
C HIS B 519 20.59 60.85 -12.92
N GLY B 520 21.61 60.63 -13.76
CA GLY B 520 21.48 61.03 -15.15
C GLY B 520 20.38 60.28 -15.88
N ALA B 521 20.20 59.01 -15.54
CA ALA B 521 19.31 58.09 -16.25
C ALA B 521 18.68 57.21 -15.18
N GLN B 522 18.04 56.12 -15.59
CA GLN B 522 17.46 55.21 -14.60
C GLN B 522 18.54 54.20 -14.24
N ASP B 523 19.15 54.40 -13.07
CA ASP B 523 20.34 53.66 -12.64
C ASP B 523 20.05 52.56 -11.64
N ILE B 524 18.80 52.42 -11.22
CA ILE B 524 18.51 51.83 -9.92
C ILE B 524 17.45 50.75 -10.05
N PHE B 525 17.71 49.61 -9.42
CA PHE B 525 16.73 48.55 -9.28
C PHE B 525 16.03 48.70 -7.94
N THR B 526 14.76 48.37 -7.89
CA THR B 526 14.01 48.51 -6.67
C THR B 526 13.35 47.19 -6.29
N ASN B 528 10.79 45.27 -3.41
CA ASN B 528 9.77 45.39 -2.37
C ASN B 528 9.81 44.16 -1.47
N SER B 529 10.05 44.38 -0.18
CA SER B 529 10.23 43.26 0.74
C SER B 529 8.92 42.52 0.99
N ASP B 530 7.84 43.27 1.25
CA ASP B 530 6.56 42.64 1.58
C ASP B 530 6.05 41.78 0.44
N SER B 531 6.22 42.22 -0.81
CA SER B 531 5.75 41.42 -1.93
C SER B 531 6.59 40.17 -2.12
N ILE B 532 7.90 40.27 -1.88
CA ILE B 532 8.77 39.10 -1.98
C ILE B 532 8.39 38.07 -0.92
N ARG B 533 8.20 38.52 0.32
CA ARG B 533 7.77 37.63 1.39
C ARG B 533 6.44 36.97 1.05
N GLN B 534 5.44 37.77 0.64
CA GLN B 534 4.14 37.21 0.29
C GLN B 534 4.26 36.17 -0.83
N THR B 535 5.05 36.45 -1.86
CA THR B 535 5.22 35.49 -2.95
C THR B 535 5.84 34.20 -2.46
N ILE B 536 6.87 34.30 -1.62
CA ILE B 536 7.52 33.11 -1.07
C ILE B 536 6.52 32.30 -0.25
N GLU B 537 5.72 32.97 0.59
CA GLU B 537 4.72 32.28 1.41
C GLU B 537 3.70 31.57 0.52
N LYS B 538 3.20 32.26 -0.50
CA LYS B 538 2.26 31.64 -1.43
C LYS B 538 2.85 30.39 -2.05
N THR B 539 4.00 30.53 -2.72
CA THR B 539 4.54 29.41 -3.50
C THR B 539 4.91 28.23 -2.60
N THR B 540 5.59 28.50 -1.48
CA THR B 540 5.95 27.43 -0.56
C THR B 540 4.71 26.76 0.02
N SER B 541 3.72 27.55 0.42
CA SER B 541 2.50 27.00 1.00
C SER B 541 1.80 26.09 -0.01
N THR B 542 1.57 26.59 -1.23
CA THR B 542 0.89 25.81 -2.25
C THR B 542 1.64 24.51 -2.56
N THR B 544 3.84 22.92 -0.82
CA THR B 544 3.75 22.04 0.34
C THR B 544 2.39 21.35 0.39
N LEU B 545 1.34 22.05 -0.02
CA LEU B 545 0.01 21.46 -0.06
C LEU B 545 -0.07 20.35 -1.10
N LEU B 546 0.44 20.59 -2.31
CA LEU B 546 0.28 19.60 -3.37
C LEU B 546 1.20 18.41 -3.17
N VAL B 547 2.45 18.67 -2.80
CA VAL B 547 3.38 17.58 -2.51
C VAL B 547 2.88 16.76 -1.33
N SER B 548 2.44 17.44 -0.26
CA SER B 548 1.91 16.72 0.88
C SER B 548 0.62 15.97 0.53
N ALA B 549 -0.14 16.45 -0.45
CA ALA B 549 -1.29 15.67 -0.90
C ALA B 549 -0.86 14.41 -1.64
N ILE B 550 0.15 14.52 -2.51
CA ILE B 550 0.69 13.35 -3.19
C ILE B 550 1.27 12.36 -2.19
N ALA B 551 1.69 12.84 -1.02
CA ALA B 551 2.07 11.92 0.06
C ALA B 551 0.82 11.33 0.72
N VAL B 552 0.05 12.16 1.42
CA VAL B 552 -1.10 11.76 2.23
C VAL B 552 -2.10 10.94 1.44
N ILE B 553 -2.80 11.61 0.52
CA ILE B 553 -3.94 10.99 -0.16
C ILE B 553 -3.53 9.65 -0.75
N SER B 554 -2.43 9.66 -1.50
CA SER B 554 -2.05 8.48 -2.25
C SER B 554 -1.50 7.38 -1.34
N LEU B 555 -0.84 7.74 -0.25
CA LEU B 555 -0.17 6.72 0.58
C LEU B 555 -1.16 6.20 1.60
N VAL B 556 -1.58 7.04 2.53
CA VAL B 556 -2.54 6.62 3.55
C VAL B 556 -3.80 6.06 2.90
N VAL B 557 -4.27 6.69 1.81
CA VAL B 557 -5.37 6.07 1.07
C VAL B 557 -4.88 4.80 0.36
N GLY B 558 -3.61 4.76 -0.03
CA GLY B 558 -2.99 3.53 -0.49
C GLY B 558 -2.77 2.50 0.60
N GLY B 559 -3.24 2.78 1.82
CA GLY B 559 -3.18 1.86 2.94
C GLY B 559 -4.47 1.10 3.11
N ILE B 560 -5.22 0.95 2.00
CA ILE B 560 -6.40 0.10 1.99
C ILE B 560 -6.08 -1.32 2.44
N GLY B 561 -4.82 -1.74 2.27
CA GLY B 561 -4.45 -3.11 2.58
C GLY B 561 -4.90 -3.59 3.95
N VAL B 562 -5.07 -2.66 4.89
CA VAL B 562 -5.74 -3.00 6.15
C VAL B 562 -7.11 -3.61 5.89
N ASN B 564 -8.21 -5.02 3.06
CA ASN B 564 -8.05 -6.30 2.37
C ASN B 564 -7.64 -7.39 3.34
N ILE B 565 -6.62 -7.12 4.17
CA ILE B 565 -6.13 -8.13 5.10
C ILE B 565 -7.18 -8.45 6.16
N LEU B 567 -10.50 -8.39 5.53
CA LEU B 567 -11.43 -9.23 4.80
C LEU B 567 -10.92 -10.67 4.71
N VAL B 568 -9.64 -10.84 4.36
CA VAL B 568 -9.06 -12.18 4.34
C VAL B 568 -8.97 -12.74 5.76
N SER B 569 -8.89 -11.87 6.77
CA SER B 569 -8.94 -12.36 8.14
C SER B 569 -10.33 -12.83 8.54
N VAL B 570 -11.38 -12.21 7.99
CA VAL B 570 -12.74 -12.71 8.22
C VAL B 570 -12.94 -14.04 7.52
N THR B 571 -12.61 -14.10 6.22
CA THR B 571 -12.75 -15.36 5.48
C THR B 571 -11.95 -16.48 6.12
N GLU B 572 -10.74 -16.17 6.59
CA GLU B 572 -9.93 -17.12 7.34
C GLU B 572 -10.70 -17.69 8.52
N ARG B 573 -11.23 -16.81 9.37
CA ARG B 573 -11.75 -17.17 10.68
C ARG B 573 -13.24 -17.47 10.69
N THR B 574 -13.88 -17.59 9.51
CA THR B 574 -15.33 -17.81 9.46
C THR B 574 -15.75 -18.96 10.38
N GLN B 575 -14.94 -20.01 10.50
CA GLN B 575 -15.24 -21.06 11.46
C GLN B 575 -15.08 -20.54 12.89
N GLU B 576 -13.98 -19.85 13.18
CA GLU B 576 -13.84 -19.24 14.50
C GLU B 576 -15.04 -18.35 14.82
N ILE B 577 -15.53 -17.60 13.83
CA ILE B 577 -16.66 -16.72 14.05
C ILE B 577 -17.91 -17.53 14.35
N GLY B 578 -18.15 -18.59 13.56
CA GLY B 578 -19.30 -19.45 13.81
C GLY B 578 -19.27 -20.09 15.19
N VAL B 579 -18.11 -20.58 15.61
CA VAL B 579 -17.97 -21.15 16.94
C VAL B 579 -18.24 -20.09 18.00
N ARG B 580 -17.71 -18.88 17.80
CA ARG B 580 -17.97 -17.80 18.73
C ARG B 580 -19.46 -17.58 18.91
N ALA B 582 -22.07 -19.60 18.10
CA ALA B 582 -22.74 -20.76 18.67
C ALA B 582 -22.48 -20.86 20.16
N VAL B 583 -21.31 -20.41 20.61
CA VAL B 583 -20.97 -20.35 22.03
C VAL B 583 -21.66 -19.16 22.71
N GLY B 584 -22.40 -18.36 21.96
CA GLY B 584 -23.16 -17.25 22.50
C GLY B 584 -22.66 -15.85 22.15
N ALA B 585 -21.72 -15.71 21.22
CA ALA B 585 -21.30 -14.37 20.80
C ALA B 585 -22.45 -13.62 20.15
N ARG B 586 -22.61 -12.37 20.55
CA ARG B 586 -23.50 -11.45 19.86
C ARG B 586 -22.81 -10.91 18.62
N GLN B 587 -23.63 -10.52 17.63
CA GLN B 587 -23.08 -9.89 16.43
C GLN B 587 -22.24 -8.68 16.81
N SER B 588 -22.74 -7.88 17.76
CA SER B 588 -21.99 -6.74 18.27
C SER B 588 -20.62 -7.17 18.78
N ASP B 589 -20.51 -8.36 19.36
CA ASP B 589 -19.24 -8.78 19.94
C ASP B 589 -18.20 -9.05 18.86
N ILE B 590 -18.60 -9.73 17.77
CA ILE B 590 -17.70 -9.97 16.65
C ILE B 590 -17.30 -8.65 16.01
N LEU B 591 -18.29 -7.80 15.74
CA LEU B 591 -18.02 -6.50 15.12
C LEU B 591 -17.04 -5.69 15.95
N GLN B 592 -17.26 -5.61 17.26
CA GLN B 592 -16.32 -4.90 18.12
C GLN B 592 -14.94 -5.53 18.07
N GLN B 593 -14.85 -6.87 18.01
CA GLN B 593 -13.54 -7.50 17.95
C GLN B 593 -12.77 -7.02 16.72
N PHE B 594 -13.38 -7.12 15.55
CA PHE B 594 -12.60 -6.81 14.35
C PHE B 594 -12.39 -5.31 14.17
N LEU B 595 -13.34 -4.47 14.57
CA LEU B 595 -13.10 -3.03 14.55
C LEU B 595 -11.98 -2.64 15.50
N ILE B 596 -11.99 -3.20 16.71
CA ILE B 596 -10.92 -2.92 17.66
C ILE B 596 -9.57 -3.40 17.13
N GLU B 597 -9.55 -4.53 16.41
CA GLU B 597 -8.28 -4.98 15.83
C GLU B 597 -7.76 -3.99 14.79
N ALA B 598 -8.60 -3.62 13.81
CA ALA B 598 -8.15 -2.69 12.78
C ALA B 598 -7.77 -1.34 13.37
N ILE B 599 -8.62 -0.81 14.25
CA ILE B 599 -8.35 0.47 14.92
C ILE B 599 -7.02 0.42 15.63
N LEU B 600 -6.78 -0.65 16.39
CA LEU B 600 -5.56 -0.73 17.20
C LEU B 600 -4.31 -0.86 16.32
N VAL B 601 -4.41 -1.65 15.24
CA VAL B 601 -3.27 -1.76 14.32
C VAL B 601 -2.94 -0.42 13.70
N CYS B 602 -3.98 0.32 13.28
CA CYS B 602 -3.75 1.60 12.62
C CYS B 602 -3.25 2.65 13.59
N LEU B 603 -3.79 2.65 14.82
CA LEU B 603 -3.34 3.60 15.84
C LEU B 603 -1.87 3.38 16.19
N ILE B 604 -1.50 2.16 16.58
CA ILE B 604 -0.11 1.91 16.98
C ILE B 604 0.82 2.16 15.80
N GLY B 605 0.40 1.77 14.60
CA GLY B 605 1.26 1.98 13.44
C GLY B 605 1.34 3.44 13.02
N GLY B 606 0.34 4.23 13.39
CA GLY B 606 0.46 5.67 13.29
C GLY B 606 1.40 6.27 14.31
N VAL B 607 1.44 5.71 15.53
CA VAL B 607 2.43 6.17 16.50
C VAL B 607 3.84 5.87 16.03
N LEU B 608 4.05 4.66 15.47
CA LEU B 608 5.37 4.36 14.92
C LEU B 608 5.66 5.17 13.67
N GLY B 609 4.61 5.56 12.92
CA GLY B 609 4.82 6.48 11.82
C GLY B 609 5.25 7.86 12.28
N VAL B 610 4.67 8.33 13.38
CA VAL B 610 5.10 9.60 13.97
C VAL B 610 6.55 9.53 14.41
N LEU B 611 6.93 8.44 15.11
CA LEU B 611 8.30 8.35 15.58
C LEU B 611 9.28 8.22 14.41
N LEU B 612 8.94 7.42 13.41
CA LEU B 612 9.76 7.33 12.20
C LEU B 612 9.91 8.68 11.53
N SER B 613 8.83 9.47 11.47
CA SER B 613 8.92 10.82 10.92
C SER B 613 9.85 11.71 11.74
N LEU B 614 9.74 11.64 13.07
CA LEU B 614 10.61 12.43 13.94
C LEU B 614 12.08 12.10 13.71
N GLY B 615 12.47 10.85 14.00
CA GLY B 615 13.87 10.46 13.83
C GLY B 615 14.36 10.67 12.41
N LEU B 616 13.52 10.36 11.43
CA LEU B 616 13.88 10.58 10.03
C LEU B 616 14.10 12.05 9.74
N GLY B 617 13.32 12.93 10.38
CA GLY B 617 13.52 14.36 10.20
C GLY B 617 14.79 14.88 10.83
N GLN B 618 15.08 14.42 12.05
CA GLN B 618 16.36 14.75 12.66
C GLN B 618 17.53 14.17 11.87
N LEU B 619 17.29 13.12 11.07
CA LEU B 619 18.26 12.70 10.07
C LEU B 619 18.36 13.71 8.94
N ILE B 620 17.22 14.23 8.47
CA ILE B 620 17.24 15.16 7.34
C ILE B 620 17.82 16.51 7.71
N ASN B 621 17.84 16.86 9.01
CA ASN B 621 18.53 18.06 9.45
C ASN B 621 20.03 17.96 9.23
N LYS B 622 20.58 16.75 9.09
CA LYS B 622 22.00 16.59 8.77
C LYS B 622 22.32 17.08 7.36
N PHE B 623 21.40 16.90 6.42
CA PHE B 623 21.74 17.09 5.02
C PHE B 623 22.05 18.56 4.72
N ALA B 624 22.80 18.78 3.65
CA ALA B 624 23.47 20.05 3.36
C ALA B 624 22.52 21.22 3.13
N GLY B 625 21.21 20.98 3.03
CA GLY B 625 20.30 22.07 2.74
C GLY B 625 20.21 23.04 3.90
N GLY B 626 20.55 24.31 3.65
CA GLY B 626 20.41 25.35 4.64
C GLY B 626 19.07 26.03 4.40
N ASN B 627 18.56 25.83 3.20
CA ASN B 627 17.20 26.23 2.85
C ASN B 627 16.18 25.20 3.32
N PHE B 628 16.55 23.93 3.31
CA PHE B 628 15.67 22.85 3.77
C PHE B 628 15.79 22.70 5.28
N ALA B 629 14.67 22.92 5.97
CA ALA B 629 14.54 22.58 7.38
C ALA B 629 13.17 21.95 7.59
N VAL B 630 13.04 21.21 8.69
CA VAL B 630 11.83 20.45 8.99
C VAL B 630 11.33 20.85 10.37
N ALA B 631 10.08 21.30 10.43
CA ALA B 631 9.47 21.82 11.66
C ALA B 631 8.20 21.04 11.95
N TYR B 632 8.14 20.40 13.11
CA TYR B 632 7.04 19.50 13.46
C TYR B 632 5.96 20.27 14.21
N SER B 633 4.81 20.43 13.54
CA SER B 633 3.66 21.07 14.18
C SER B 633 3.02 20.10 15.18
N THR B 634 2.85 20.56 16.42
CA THR B 634 2.23 19.71 17.44
C THR B 634 0.76 19.44 17.16
N THR B 635 0.13 20.22 16.28
CA THR B 635 -1.23 19.92 15.85
C THR B 635 -1.28 19.10 14.57
N SER B 636 -0.13 18.84 13.93
CA SER B 636 -0.08 17.84 12.89
C SER B 636 0.18 16.45 13.44
N ILE B 637 0.67 16.35 14.67
CA ILE B 637 0.87 15.06 15.31
C ILE B 637 -0.45 14.53 15.87
N VAL B 638 -1.19 15.40 16.56
CA VAL B 638 -2.55 15.06 16.99
C VAL B 638 -3.40 14.66 15.79
N ALA B 639 -3.37 15.48 14.74
CA ALA B 639 -4.05 15.12 13.50
C ALA B 639 -3.56 13.79 12.95
N ALA B 640 -2.29 13.46 13.19
CA ALA B 640 -1.77 12.18 12.72
C ALA B 640 -2.41 11.01 13.45
N PHE B 641 -2.44 11.07 14.78
CA PHE B 641 -3.09 10.01 15.55
C PHE B 641 -4.57 9.90 15.17
N VAL B 642 -5.27 11.04 15.15
CA VAL B 642 -6.70 11.03 14.85
C VAL B 642 -6.95 10.42 13.48
N CYS B 643 -6.19 10.86 12.47
CA CYS B 643 -6.40 10.36 11.11
C CYS B 643 -6.09 8.87 11.00
N SER B 644 -5.01 8.41 11.63
CA SER B 644 -4.71 6.99 11.62
C SER B 644 -5.85 6.18 12.24
N THR B 645 -6.31 6.60 13.41
CA THR B 645 -7.44 5.91 14.05
C THR B 645 -8.68 5.91 13.15
N LEU B 646 -8.92 7.02 12.45
CA LEU B 646 -10.05 7.06 11.52
C LEU B 646 -9.85 6.08 10.36
N ILE B 647 -8.62 5.93 9.88
CA ILE B 647 -8.34 4.91 8.88
C ILE B 647 -8.70 3.54 9.43
N GLY B 648 -8.41 3.31 10.72
CA GLY B 648 -8.88 2.09 11.36
C GLY B 648 -10.39 1.94 11.32
N VAL B 649 -11.11 2.95 11.80
CA VAL B 649 -12.57 2.89 11.88
C VAL B 649 -13.23 2.77 10.52
N VAL B 650 -12.55 3.16 9.45
CA VAL B 650 -13.16 3.20 8.12
C VAL B 650 -12.97 1.91 7.31
N PHE B 651 -11.73 1.54 7.01
CA PHE B 651 -11.49 0.52 5.98
C PHE B 651 -11.92 -0.96 6.14
N GLY B 652 -11.75 -1.61 7.30
CA GLY B 652 -11.53 -1.03 8.60
C GLY B 652 -12.86 -1.17 9.31
N PHE B 653 -13.92 -1.27 8.51
CA PHE B 653 -15.29 -1.38 8.98
C PHE B 653 -16.01 -2.52 8.25
N LEU B 654 -16.11 -2.40 6.93
CA LEU B 654 -16.80 -3.40 6.11
C LEU B 654 -16.44 -4.84 6.46
N PRO B 655 -15.17 -5.22 6.65
CA PRO B 655 -14.91 -6.58 7.13
C PRO B 655 -15.46 -6.85 8.52
N ALA B 656 -15.32 -5.89 9.45
CA ALA B 656 -15.84 -6.08 10.79
C ALA B 656 -17.35 -6.27 10.81
N LYS B 657 -18.06 -5.69 9.84
CA LYS B 657 -19.49 -5.93 9.71
C LYS B 657 -19.77 -7.25 9.00
N ASN B 658 -19.02 -7.55 7.94
CA ASN B 658 -19.18 -8.82 7.23
C ASN B 658 -19.01 -10.02 8.16
N ALA B 659 -18.13 -9.90 9.16
CA ALA B 659 -17.93 -11.00 10.09
C ALA B 659 -19.14 -11.19 10.99
N ALA B 660 -19.67 -10.09 11.54
CA ALA B 660 -20.79 -10.18 12.46
C ALA B 660 -22.08 -10.59 11.76
N LYS B 661 -22.15 -10.47 10.44
CA LYS B 661 -23.36 -10.82 9.69
C LYS B 661 -23.33 -12.25 9.16
N LEU B 662 -22.32 -13.04 9.52
CA LEU B 662 -22.22 -14.41 9.03
C LEU B 662 -23.32 -15.28 9.62
N ASP B 663 -23.81 -16.22 8.82
CA ASP B 663 -24.73 -17.24 9.30
C ASP B 663 -23.97 -18.28 10.09
N PRO B 664 -24.23 -18.44 11.39
CA PRO B 664 -23.43 -19.40 12.18
C PRO B 664 -23.53 -20.82 11.67
N VAL B 665 -24.66 -21.21 11.09
CA VAL B 665 -24.75 -22.52 10.44
C VAL B 665 -23.72 -22.61 9.32
N ALA B 666 -23.85 -21.76 8.31
CA ALA B 666 -22.94 -21.79 7.17
C ALA B 666 -21.51 -21.51 7.60
N ALA B 667 -21.31 -20.68 8.63
CA ALA B 667 -19.97 -20.41 9.10
C ALA B 667 -19.34 -21.65 9.74
N LEU B 668 -20.11 -22.39 10.55
CA LEU B 668 -19.55 -23.57 11.19
C LEU B 668 -19.19 -24.63 10.17
N SER B 669 -20.07 -24.91 9.20
CA SER B 669 -19.70 -25.87 8.17
C SER B 669 -19.32 -25.05 6.95
N ARG B 670 -18.02 -24.79 6.84
CA ARG B 670 -17.42 -24.17 5.66
C ARG B 670 -16.00 -24.69 5.55
N GLU B 671 -15.71 -25.41 4.46
CA GLU B 671 -14.36 -25.87 4.10
C GLU B 671 -14.39 -26.48 2.71
#